data_8ZK7
#
_entry.id   8ZK7
#
_cell.length_a   116.604
_cell.length_b   137.054
_cell.length_c   77.488
_cell.angle_alpha   90.00
_cell.angle_beta   90.00
_cell.angle_gamma   90.00
#
_symmetry.space_group_name_H-M   'P 21 21 2'
#
loop_
_entity.id
_entity.type
_entity.pdbx_description
1 polymer 'Indolepyruvate decarboxylase'
2 non-polymer 'THIAMINE DIPHOSPHATE'
3 non-polymer 'MAGNESIUM ION'
4 water water
#
_entity_poly.entity_id   1
_entity_poly.type   'polypeptide(L)'
_entity_poly.pdbx_seq_one_letter_code
;MGSSHHHHHHSQDPMRTPYCVADYLLDRLTDCGADHLFGVPGDYNLQFLDHVIDSPDICWVGCANELNASYAADGYARCK
GFAALLTTFGVGELSAMNGIAGSYAEHVPVLHIVGAPGTASQQRGELLHHTLGDGEFRHFYHMSEPITVAQAILTEQNAC
YEIDRVLTTMLRERRPGYLMLPADVAKKAATPPVNALTLRHAHADSACLKAFRDAAENRLAMSKRTALLADFLVLRHGLK
HALQKWVKDVPMAHATMLMGKGIFDERHVGFYGTYSGSASAGAVKEAIEGADTVLCIGTRFTDTLTAGFTHQLTPSQTIE
VQPHASRVGDVWFTGIPMLQAIETLVELCKQHVHDTPVPSSQSAMVYPQPDGSLTQDNFWKTLQTFIRPGDIILADQGTS
AFGAIDLRLPADVNFIVQPLWGSIGYTLAAAFGAQTACPNRRVIVLTGDGAAQLTIQELGSMLRDKQHPIILVLNNEGYT
VLRAIHGPEQRYNDIALWNWTQIPQALSLDPQAQCWRVSEAEQLADVLEKVAHHERLSLIEVMLPKADIPPLLGAITKAL
EARNSA
;
_entity_poly.pdbx_strand_id   A,B
#
# COMPACT_ATOMS: atom_id res chain seq x y z
N THR A 17 -0.81 25.41 23.31
CA THR A 17 -1.05 25.00 24.69
C THR A 17 -2.54 24.91 25.09
N PRO A 18 -3.42 25.80 24.60
CA PRO A 18 -4.83 25.68 24.97
C PRO A 18 -5.41 24.36 24.51
N TYR A 19 -6.21 23.74 25.37
CA TYR A 19 -6.83 22.47 25.04
C TYR A 19 -7.70 22.61 23.79
N CYS A 20 -7.53 21.66 22.86
CA CYS A 20 -8.14 21.78 21.54
C CYS A 20 -8.58 20.39 21.04
N VAL A 21 -9.08 20.36 19.80
CA VAL A 21 -9.62 19.13 19.23
C VAL A 21 -8.57 18.03 19.16
N ALA A 22 -7.32 18.39 18.84
CA ALA A 22 -6.25 17.40 18.82
C ALA A 22 -6.05 16.76 20.19
N ASP A 23 -6.08 17.58 21.26
CA ASP A 23 -5.94 17.04 22.61
C ASP A 23 -7.13 16.17 23.00
N TYR A 24 -8.33 16.55 22.57
CA TYR A 24 -9.51 15.75 22.87
C TYR A 24 -9.42 14.36 22.24
N LEU A 25 -9.01 14.32 20.96
CA LEU A 25 -8.89 13.04 20.27
C LEU A 25 -7.89 12.13 20.97
N LEU A 26 -6.74 12.67 21.37
CA LEU A 26 -5.74 11.86 22.03
C LEU A 26 -6.22 11.34 23.39
N ASP A 27 -6.94 12.18 24.14
CA ASP A 27 -7.52 11.73 25.41
C ASP A 27 -8.48 10.56 25.18
N ARG A 28 -9.38 10.69 24.19
CA ARG A 28 -10.28 9.60 23.84
C ARG A 28 -9.51 8.36 23.41
N LEU A 29 -8.38 8.57 22.74
CA LEU A 29 -7.52 7.47 22.33
C LEU A 29 -7.00 6.68 23.53
N THR A 30 -6.55 7.40 24.58
CA THR A 30 -6.13 6.71 25.79
C THR A 30 -7.30 6.00 26.47
N ASP A 31 -8.47 6.66 26.52
CA ASP A 31 -9.63 6.02 27.14
C ASP A 31 -9.92 4.66 26.50
N CYS A 32 -9.68 4.52 25.20
CA CYS A 32 -9.95 3.27 24.49
C CYS A 32 -8.87 2.22 24.69
N GLY A 33 -7.72 2.56 25.23
CA GLY A 33 -6.70 1.60 25.55
C GLY A 33 -5.42 1.66 24.72
N ALA A 34 -5.19 2.75 24.01
CA ALA A 34 -4.01 2.91 23.17
C ALA A 34 -3.00 3.82 23.88
N ASP A 35 -1.76 3.36 23.96
CA ASP A 35 -0.67 4.18 24.47
C ASP A 35 0.29 4.62 23.39
N HIS A 36 0.04 4.21 22.15
CA HIS A 36 0.92 4.53 21.04
C HIS A 36 0.09 4.95 19.84
N LEU A 37 0.72 5.74 18.99
CA LEU A 37 0.15 6.15 17.72
C LEU A 37 1.16 5.79 16.62
N PHE A 38 0.74 4.99 15.65
CA PHE A 38 1.56 4.59 14.52
C PHE A 38 1.29 5.50 13.32
N GLY A 39 2.24 5.56 12.40
CA GLY A 39 2.01 6.23 11.14
C GLY A 39 3.26 6.88 10.58
N VAL A 40 3.07 7.65 9.50
CA VAL A 40 4.18 8.44 8.99
C VAL A 40 3.71 9.88 8.80
N PRO A 41 4.56 10.86 9.08
CA PRO A 41 4.11 12.26 9.03
C PRO A 41 3.95 12.77 7.61
N GLY A 42 3.20 13.87 7.53
CA GLY A 42 3.05 14.64 6.31
C GLY A 42 2.69 16.05 6.71
N ASP A 43 2.82 16.96 5.76
CA ASP A 43 2.59 18.37 6.06
C ASP A 43 1.18 18.62 6.59
N TYR A 44 0.22 17.80 6.18
CA TYR A 44 -1.14 17.99 6.65
C TYR A 44 -1.37 17.50 8.08
N ASN A 45 -0.40 16.81 8.69
CA ASN A 45 -0.60 16.33 10.05
C ASN A 45 0.52 16.74 11.02
N LEU A 46 1.45 17.60 10.60
CA LEU A 46 2.57 17.95 11.46
C LEU A 46 2.11 18.66 12.72
N GLN A 47 1.13 19.57 12.60
CA GLN A 47 0.66 20.32 13.76
C GLN A 47 -0.09 19.42 14.73
N PHE A 48 -0.80 18.43 14.22
CA PHE A 48 -1.39 17.42 15.12
C PHE A 48 -0.29 16.64 15.85
N LEU A 49 0.80 16.32 15.15
CA LEU A 49 1.84 15.51 15.77
C LEU A 49 2.47 16.23 16.94
N ASP A 50 2.49 17.57 16.91
CA ASP A 50 2.98 18.33 18.06
C ASP A 50 2.20 17.94 19.31
N HIS A 51 0.89 17.74 19.18
CA HIS A 51 0.13 17.35 20.35
C HIS A 51 0.39 15.89 20.73
N VAL A 52 0.71 15.05 19.75
CA VAL A 52 1.08 13.68 20.06
C VAL A 52 2.37 13.65 20.87
N ILE A 53 3.36 14.45 20.46
CA ILE A 53 4.64 14.48 21.17
C ILE A 53 4.45 14.98 22.60
N ASP A 54 3.65 16.05 22.77
CA ASP A 54 3.52 16.68 24.08
C ASP A 54 2.66 15.89 25.05
N SER A 55 1.91 14.90 24.58
CA SER A 55 1.01 14.19 25.47
C SER A 55 1.79 13.20 26.34
N PRO A 56 1.56 13.19 27.66
CA PRO A 56 2.21 12.19 28.52
C PRO A 56 1.56 10.82 28.50
N ASP A 57 0.52 10.62 27.69
CA ASP A 57 -0.20 9.36 27.67
C ASP A 57 -0.08 8.61 26.37
N ILE A 58 0.29 9.29 25.28
CA ILE A 58 0.28 8.70 23.93
C ILE A 58 1.66 8.91 23.29
N CYS A 59 2.26 7.83 22.82
CA CYS A 59 3.62 7.82 22.29
C CYS A 59 3.63 7.63 20.77
N TRP A 60 4.28 8.56 20.06
CA TRP A 60 4.37 8.47 18.61
C TRP A 60 5.36 7.39 18.20
N VAL A 61 4.96 6.58 17.24
CA VAL A 61 5.81 5.53 16.69
C VAL A 61 5.85 5.76 15.17
N GLY A 62 6.83 6.52 14.71
CA GLY A 62 6.99 6.70 13.28
C GLY A 62 7.34 5.39 12.62
N CYS A 63 6.71 5.13 11.49
CA CYS A 63 6.96 3.90 10.74
C CYS A 63 7.58 4.20 9.38
N ALA A 64 8.06 3.13 8.75
CA ALA A 64 8.81 3.20 7.50
C ALA A 64 7.91 3.33 6.27
N ASN A 65 6.68 2.82 6.34
CA ASN A 65 5.67 3.22 5.35
C ASN A 65 4.29 3.00 5.98
N GLU A 66 3.27 3.59 5.32
CA GLU A 66 1.93 3.58 5.91
C GLU A 66 1.34 2.18 5.95
N LEU A 67 1.64 1.35 4.95
CA LEU A 67 1.12 -0.01 4.96
C LEU A 67 1.64 -0.75 6.19
N ASN A 68 2.93 -0.63 6.47
CA ASN A 68 3.52 -1.25 7.64
C ASN A 68 2.93 -0.71 8.93
N ALA A 69 2.72 0.60 9.00
CA ALA A 69 2.14 1.18 10.20
C ALA A 69 0.74 0.62 10.46
N SER A 70 -0.08 0.48 9.41
CA SER A 70 -1.42 -0.08 9.58
C SER A 70 -1.36 -1.55 10.00
N TYR A 71 -0.42 -2.30 9.43
CA TYR A 71 -0.19 -3.67 9.91
C TYR A 71 0.25 -3.66 11.38
N ALA A 72 1.19 -2.77 11.72
CA ALA A 72 1.66 -2.70 13.10
C ALA A 72 0.53 -2.33 14.06
N ALA A 73 -0.34 -1.39 13.65
CA ALA A 73 -1.48 -1.02 14.49
C ALA A 73 -2.41 -2.20 14.71
N ASP A 74 -2.66 -2.97 13.65
CA ASP A 74 -3.46 -4.18 13.80
C ASP A 74 -2.84 -5.11 14.84
N GLY A 75 -1.53 -5.38 14.69
CA GLY A 75 -0.85 -6.23 15.66
C GLY A 75 -0.92 -5.64 17.06
N TYR A 76 -0.82 -4.31 17.17
CA TYR A 76 -0.95 -3.65 18.46
C TYR A 76 -2.33 -3.87 19.06
N ALA A 77 -3.39 -3.68 18.27
CA ALA A 77 -4.74 -3.83 18.80
C ALA A 77 -5.05 -5.29 19.15
N ARG A 78 -4.40 -6.24 18.49
CA ARG A 78 -4.59 -7.64 18.86
C ARG A 78 -3.92 -7.97 20.19
N CYS A 79 -3.13 -7.05 20.72
CA CYS A 79 -2.51 -7.23 22.02
C CYS A 79 -3.12 -6.35 23.08
N LYS A 80 -3.58 -5.15 22.72
CA LYS A 80 -4.15 -4.25 23.71
C LYS A 80 -5.62 -3.94 23.48
N GLY A 81 -6.26 -4.55 22.48
CA GLY A 81 -7.68 -4.36 22.26
C GLY A 81 -8.06 -3.11 21.50
N PHE A 82 -7.09 -2.29 21.09
CA PHE A 82 -7.38 -1.04 20.39
C PHE A 82 -6.08 -0.48 19.82
N ALA A 83 -6.16 0.20 18.68
CA ALA A 83 -4.96 0.83 18.16
C ALA A 83 -5.34 2.01 17.28
N ALA A 84 -4.34 2.86 17.01
CA ALA A 84 -4.57 4.06 16.21
C ALA A 84 -3.44 4.25 15.20
N LEU A 85 -3.81 4.76 14.03
CA LEU A 85 -2.94 4.97 12.89
C LEU A 85 -3.11 6.39 12.38
N LEU A 86 -2.00 7.06 12.09
CA LEU A 86 -2.05 8.42 11.59
C LEU A 86 -1.36 8.47 10.24
N THR A 87 -2.07 8.97 9.22
CA THR A 87 -1.53 9.11 7.88
C THR A 87 -1.82 10.51 7.37
N THR A 88 -1.20 10.85 6.25
CA THR A 88 -1.48 12.11 5.59
C THR A 88 -2.51 11.89 4.48
N PHE A 89 -3.19 12.98 4.13
CA PHE A 89 -4.29 12.94 3.16
C PHE A 89 -3.85 12.34 1.83
N GLY A 90 -4.63 11.38 1.34
CA GLY A 90 -4.40 10.82 0.02
C GLY A 90 -3.28 9.80 -0.04
N VAL A 91 -2.02 10.25 -0.08
CA VAL A 91 -0.91 9.32 -0.28
C VAL A 91 -0.70 8.46 0.97
N GLY A 92 -0.86 9.03 2.15
CA GLY A 92 -0.73 8.22 3.36
C GLY A 92 -1.90 7.26 3.52
N GLU A 93 -3.13 7.80 3.49
CA GLU A 93 -4.30 6.99 3.80
C GLU A 93 -4.50 5.89 2.77
N LEU A 94 -4.27 6.18 1.48
CA LEU A 94 -4.46 5.15 0.44
C LEU A 94 -3.38 4.07 0.49
N SER A 95 -2.21 4.38 1.06
CA SER A 95 -1.18 3.36 1.24
C SER A 95 -1.58 2.37 2.32
N ALA A 96 -2.36 2.81 3.31
CA ALA A 96 -2.73 1.95 4.43
C ALA A 96 -4.02 1.17 4.19
N MET A 97 -4.62 1.29 3.00
CA MET A 97 -5.94 0.73 2.79
C MET A 97 -5.95 -0.78 2.97
N ASN A 98 -4.91 -1.46 2.48
CA ASN A 98 -4.88 -2.91 2.62
C ASN A 98 -4.82 -3.32 4.09
N GLY A 99 -4.19 -2.51 4.94
CA GLY A 99 -4.16 -2.83 6.36
C GLY A 99 -5.51 -2.64 7.02
N ILE A 100 -6.15 -1.48 6.78
CA ILE A 100 -7.46 -1.24 7.36
C ILE A 100 -8.46 -2.28 6.86
N ALA A 101 -8.34 -2.67 5.59
CA ALA A 101 -9.24 -3.69 5.07
C ALA A 101 -9.06 -5.02 5.79
N GLY A 102 -7.80 -5.40 6.06
CA GLY A 102 -7.57 -6.60 6.84
C GLY A 102 -8.10 -6.50 8.27
N SER A 103 -7.96 -5.31 8.87
CA SER A 103 -8.53 -5.09 10.21
C SER A 103 -10.05 -5.21 10.19
N TYR A 104 -10.69 -4.69 9.15
CA TYR A 104 -12.14 -4.85 9.05
C TYR A 104 -12.52 -6.30 8.88
N ALA A 105 -11.81 -7.02 8.03
CA ALA A 105 -12.15 -8.41 7.73
C ALA A 105 -12.04 -9.30 8.98
N GLU A 106 -11.06 -9.02 9.83
CA GLU A 106 -10.78 -9.86 10.99
C GLU A 106 -11.20 -9.19 12.30
N HIS A 107 -12.03 -8.14 12.21
CA HIS A 107 -12.63 -7.51 13.38
C HIS A 107 -11.55 -7.04 14.37
N VAL A 108 -10.68 -6.17 13.89
CA VAL A 108 -9.64 -5.57 14.71
C VAL A 108 -9.92 -4.08 14.80
N PRO A 109 -10.08 -3.53 15.97
CA PRO A 109 -10.46 -2.12 16.10
C PRO A 109 -9.28 -1.19 15.96
N VAL A 110 -8.96 -0.81 14.73
CA VAL A 110 -7.90 0.13 14.44
C VAL A 110 -8.52 1.45 14.01
N LEU A 111 -8.13 2.54 14.67
CA LEU A 111 -8.61 3.86 14.29
C LEU A 111 -7.67 4.49 13.27
N HIS A 112 -8.21 4.88 12.13
CA HIS A 112 -7.46 5.56 11.09
C HIS A 112 -7.71 7.05 11.24
N ILE A 113 -6.68 7.79 11.64
CA ILE A 113 -6.75 9.25 11.63
C ILE A 113 -6.01 9.73 10.38
N VAL A 114 -6.63 10.67 9.66
CA VAL A 114 -6.08 11.18 8.41
C VAL A 114 -5.95 12.70 8.52
N GLY A 115 -4.72 13.19 8.57
CA GLY A 115 -4.50 14.62 8.50
C GLY A 115 -4.80 15.16 7.11
N ALA A 116 -5.58 16.23 7.04
CA ALA A 116 -6.12 16.73 5.79
C ALA A 116 -5.85 18.22 5.66
N PRO A 117 -5.91 18.77 4.44
CA PRO A 117 -5.79 20.22 4.29
C PRO A 117 -6.86 20.96 5.07
N GLY A 118 -6.54 22.21 5.42
CA GLY A 118 -7.48 23.02 6.16
C GLY A 118 -8.78 23.18 5.39
N THR A 119 -9.86 23.39 6.15
CA THR A 119 -11.19 23.40 5.56
C THR A 119 -11.32 24.49 4.50
N ALA A 120 -10.67 25.65 4.72
CA ALA A 120 -10.73 26.73 3.74
C ALA A 120 -10.12 26.30 2.42
N SER A 121 -8.99 25.58 2.46
CA SER A 121 -8.38 25.11 1.23
C SER A 121 -9.30 24.12 0.49
N GLN A 122 -9.92 23.21 1.23
CA GLN A 122 -10.78 22.22 0.60
C GLN A 122 -11.99 22.88 -0.07
N GLN A 123 -12.64 23.81 0.62
CA GLN A 123 -13.82 24.45 0.07
C GLN A 123 -13.48 25.27 -1.17
N ARG A 124 -12.29 25.85 -1.22
CA ARG A 124 -11.85 26.61 -2.38
C ARG A 124 -11.51 25.72 -3.55
N GLY A 125 -11.51 24.40 -3.37
CA GLY A 125 -11.21 23.50 -4.47
C GLY A 125 -9.82 23.67 -5.04
N GLU A 126 -8.84 23.95 -4.18
CA GLU A 126 -7.49 24.24 -4.65
C GLU A 126 -6.79 22.99 -5.19
N LEU A 127 -5.87 23.20 -6.13
CA LEU A 127 -5.03 22.14 -6.70
C LEU A 127 -3.86 21.87 -5.77
N LEU A 128 -4.13 21.10 -4.72
CA LEU A 128 -3.13 20.78 -3.70
C LEU A 128 -2.44 19.44 -3.97
N HIS A 129 -1.22 19.31 -3.45
CA HIS A 129 -0.54 18.02 -3.52
C HIS A 129 -1.32 16.99 -2.71
N HIS A 130 -1.22 15.73 -3.13
CA HIS A 130 -1.97 14.60 -2.61
C HIS A 130 -3.45 14.63 -2.99
N THR A 131 -3.81 15.37 -4.04
CA THR A 131 -5.16 15.29 -4.60
C THR A 131 -5.06 14.77 -6.02
N LEU A 132 -6.23 14.49 -6.60
CA LEU A 132 -6.33 14.03 -7.96
C LEU A 132 -6.27 15.16 -8.98
N GLY A 133 -6.07 16.40 -8.52
CA GLY A 133 -6.03 17.53 -9.43
C GLY A 133 -7.38 18.02 -9.89
N ASP A 134 -8.47 17.54 -9.30
CA ASP A 134 -9.84 17.92 -9.63
C ASP A 134 -10.49 18.86 -8.60
N GLY A 135 -9.78 19.22 -7.54
CA GLY A 135 -10.39 20.04 -6.49
C GLY A 135 -11.35 19.31 -5.57
N GLU A 136 -11.40 18.00 -5.64
CA GLU A 136 -12.30 17.18 -4.83
C GLU A 136 -11.53 16.59 -3.66
N PHE A 137 -12.06 16.76 -2.44
CA PHE A 137 -11.33 16.35 -1.24
C PHE A 137 -12.02 15.22 -0.48
N ARG A 138 -13.09 14.64 -1.03
CA ARG A 138 -13.83 13.59 -0.37
C ARG A 138 -13.72 12.23 -1.04
N HIS A 139 -12.91 12.11 -2.10
CA HIS A 139 -12.78 10.83 -2.79
C HIS A 139 -12.36 9.74 -1.84
N PHE A 140 -11.30 9.99 -1.09
CA PHE A 140 -10.71 8.93 -0.29
C PHE A 140 -11.55 8.63 0.94
N TYR A 141 -12.28 9.64 1.43
CA TYR A 141 -13.19 9.39 2.53
C TYR A 141 -14.21 8.33 2.14
N HIS A 142 -14.83 8.49 0.96
CA HIS A 142 -15.82 7.51 0.52
C HIS A 142 -15.17 6.19 0.14
N MET A 143 -13.93 6.22 -0.36
CA MET A 143 -13.27 4.96 -0.71
C MET A 143 -13.07 4.08 0.52
N SER A 144 -12.99 4.69 1.69
CA SER A 144 -12.77 3.93 2.90
C SER A 144 -14.07 3.46 3.56
N GLU A 145 -15.24 3.85 3.04
CA GLU A 145 -16.49 3.43 3.65
C GLU A 145 -16.68 1.92 3.73
N PRO A 146 -16.39 1.11 2.70
CA PRO A 146 -16.64 -0.33 2.82
C PRO A 146 -15.79 -1.03 3.87
N ILE A 147 -14.72 -0.42 4.38
CA ILE A 147 -13.78 -1.13 5.24
C ILE A 147 -13.73 -0.51 6.64
N THR A 148 -14.73 0.29 7.00
CA THR A 148 -14.83 0.84 8.35
C THR A 148 -16.27 0.68 8.81
N VAL A 149 -16.48 0.67 10.13
CA VAL A 149 -17.85 0.63 10.65
C VAL A 149 -18.41 2.01 10.91
N ALA A 150 -17.55 3.02 10.99
CA ALA A 150 -17.99 4.39 11.24
C ALA A 150 -16.91 5.33 10.73
N GLN A 151 -17.34 6.51 10.31
CA GLN A 151 -16.44 7.51 9.75
C GLN A 151 -17.02 8.88 10.00
N ALA A 152 -16.16 9.89 9.97
CA ALA A 152 -16.65 11.25 10.07
C ALA A 152 -15.58 12.16 9.49
N ILE A 153 -16.05 13.25 8.91
CA ILE A 153 -15.20 14.38 8.57
C ILE A 153 -15.38 15.40 9.68
N LEU A 154 -14.36 15.58 10.51
CA LEU A 154 -14.46 16.47 11.64
C LEU A 154 -14.55 17.90 11.17
N THR A 155 -15.50 18.64 11.71
CA THR A 155 -15.64 20.06 11.45
C THR A 155 -15.56 20.80 12.78
N GLU A 156 -15.45 22.12 12.71
CA GLU A 156 -15.55 22.92 13.92
C GLU A 156 -16.86 22.70 14.66
N GLN A 157 -17.91 22.22 13.97
CA GLN A 157 -19.24 22.09 14.54
C GLN A 157 -19.57 20.69 15.05
N ASN A 158 -18.76 19.67 14.73
CA ASN A 158 -19.13 18.30 15.12
C ASN A 158 -18.03 17.50 15.80
N ALA A 159 -16.84 18.07 16.00
CA ALA A 159 -15.62 17.25 16.17
C ALA A 159 -15.70 16.33 17.37
N CYS A 160 -16.02 16.86 18.55
CA CYS A 160 -15.92 16.05 19.76
C CYS A 160 -16.99 14.97 19.82
N TYR A 161 -18.21 15.25 19.35
CA TYR A 161 -19.21 14.18 19.36
C TYR A 161 -19.07 13.23 18.18
N GLU A 162 -18.43 13.66 17.09
CA GLU A 162 -18.13 12.69 16.04
C GLU A 162 -16.97 11.79 16.43
N ILE A 163 -16.00 12.34 17.17
CA ILE A 163 -14.91 11.51 17.71
C ILE A 163 -15.49 10.44 18.63
N ASP A 164 -16.37 10.85 19.53
CA ASP A 164 -16.94 9.90 20.48
C ASP A 164 -17.79 8.85 19.76
N ARG A 165 -18.57 9.25 18.75
CA ARG A 165 -19.45 8.31 18.05
C ARG A 165 -18.65 7.25 17.29
N VAL A 166 -17.61 7.67 16.56
CA VAL A 166 -16.85 6.71 15.76
C VAL A 166 -16.15 5.72 16.67
N LEU A 167 -15.52 6.20 17.74
CA LEU A 167 -14.82 5.33 18.67
C LEU A 167 -15.78 4.39 19.39
N THR A 168 -16.96 4.90 19.74
CA THR A 168 -17.98 4.07 20.38
C THR A 168 -18.41 2.93 19.47
N THR A 169 -18.65 3.24 18.18
CA THR A 169 -18.99 2.22 17.21
C THR A 169 -17.85 1.22 17.02
N MET A 170 -16.60 1.71 17.01
CA MET A 170 -15.44 0.82 16.91
C MET A 170 -15.40 -0.15 18.08
N LEU A 171 -15.66 0.35 19.29
CA LEU A 171 -15.65 -0.52 20.47
C LEU A 171 -16.77 -1.53 20.41
N ARG A 172 -17.95 -1.13 19.95
CA ARG A 172 -19.08 -2.05 19.94
C ARG A 172 -18.89 -3.15 18.91
N GLU A 173 -18.42 -2.80 17.73
CA GLU A 173 -18.25 -3.73 16.63
C GLU A 173 -16.97 -4.52 16.55
N ARG A 174 -15.93 -3.97 17.17
CA ARG A 174 -14.54 -4.44 17.16
C ARG A 174 -14.07 -4.31 15.73
N ARG A 175 -14.16 -3.13 15.16
CA ARG A 175 -13.77 -2.93 13.79
C ARG A 175 -13.21 -1.55 13.58
N PRO A 176 -12.58 -1.31 12.44
CA PRO A 176 -11.89 -0.03 12.27
C PRO A 176 -12.85 1.12 12.05
N GLY A 177 -12.38 2.31 12.41
CA GLY A 177 -13.07 3.54 12.12
C GLY A 177 -12.11 4.52 11.45
N TYR A 178 -12.69 5.58 10.92
CA TYR A 178 -11.97 6.55 10.10
C TYR A 178 -12.34 7.95 10.57
N LEU A 179 -11.34 8.81 10.72
CA LEU A 179 -11.60 10.21 11.03
C LEU A 179 -10.77 11.08 10.11
N MET A 180 -11.39 12.03 9.42
CA MET A 180 -10.63 13.01 8.67
C MET A 180 -10.50 14.26 9.54
N LEU A 181 -9.27 14.70 9.77
CA LEU A 181 -9.00 15.83 10.66
C LEU A 181 -8.34 16.95 9.88
N PRO A 182 -9.10 17.92 9.38
CA PRO A 182 -8.48 19.11 8.79
C PRO A 182 -7.58 19.82 9.81
N ALA A 183 -6.49 20.39 9.31
CA ALA A 183 -5.50 20.98 10.20
C ALA A 183 -6.11 22.11 11.03
N ASP A 184 -7.00 22.90 10.43
CA ASP A 184 -7.60 24.00 11.17
C ASP A 184 -8.56 23.49 12.24
N VAL A 185 -9.27 22.39 11.95
CA VAL A 185 -10.20 21.81 12.91
C VAL A 185 -9.46 21.27 14.14
N ALA A 186 -8.28 20.67 13.93
CA ALA A 186 -7.50 20.12 15.03
C ALA A 186 -7.10 21.19 16.04
N LYS A 187 -6.92 22.42 15.59
CA LYS A 187 -6.52 23.49 16.48
C LYS A 187 -7.70 24.17 17.17
N LYS A 188 -8.93 23.76 16.88
CA LYS A 188 -10.09 24.42 17.46
C LYS A 188 -10.25 24.09 18.94
N ALA A 189 -10.70 25.07 19.71
CA ALA A 189 -10.78 24.93 21.17
C ALA A 189 -11.76 23.82 21.56
N ALA A 190 -11.39 23.05 22.58
CA ALA A 190 -12.23 21.99 23.11
C ALA A 190 -12.14 21.99 24.63
N THR A 191 -12.89 21.09 25.25
CA THR A 191 -12.97 20.99 26.69
C THR A 191 -12.62 19.58 27.14
N PRO A 192 -11.70 19.41 28.08
CA PRO A 192 -11.36 18.06 28.56
C PRO A 192 -12.57 17.38 29.17
N PRO A 193 -12.85 16.14 28.79
CA PRO A 193 -14.03 15.45 29.32
C PRO A 193 -13.78 15.00 30.75
N VAL A 194 -14.80 15.20 31.60
CA VAL A 194 -14.71 14.76 32.99
C VAL A 194 -14.71 13.24 33.08
N ASN A 195 -15.47 12.59 32.21
CA ASN A 195 -15.59 11.14 32.21
C ASN A 195 -14.86 10.54 31.02
N ALA A 196 -14.35 9.34 31.23
CA ALA A 196 -13.66 8.61 30.18
C ALA A 196 -14.68 7.85 29.34
N LEU A 197 -14.36 7.72 28.04
CA LEU A 197 -15.25 7.04 27.11
C LEU A 197 -15.46 5.61 27.53
N THR A 198 -16.71 5.25 27.81
CA THR A 198 -17.03 4.01 28.50
C THR A 198 -17.74 3.04 27.56
N LEU A 199 -17.29 1.79 27.59
CA LEU A 199 -17.88 0.68 26.84
C LEU A 199 -19.13 0.24 27.58
N ARG A 200 -20.26 0.89 27.28
CA ARG A 200 -21.50 0.56 27.96
C ARG A 200 -21.94 -0.86 27.60
N HIS A 201 -22.11 -1.71 28.61
CA HIS A 201 -22.52 -3.08 28.35
C HIS A 201 -23.96 -3.12 27.87
N ALA A 202 -24.16 -3.59 26.64
CA ALA A 202 -25.51 -3.74 26.12
C ALA A 202 -26.19 -4.93 26.77
N HIS A 203 -27.51 -4.87 26.78
CA HIS A 203 -28.32 -5.92 27.40
C HIS A 203 -29.40 -6.37 26.44
N ALA A 204 -29.56 -7.68 26.31
CA ALA A 204 -30.63 -8.20 25.49
C ALA A 204 -31.98 -7.89 26.12
N ASP A 205 -33.01 -7.86 25.28
CA ASP A 205 -34.36 -7.86 25.80
C ASP A 205 -34.58 -9.16 26.57
N SER A 206 -35.18 -9.02 27.76
CA SER A 206 -35.28 -10.14 28.68
C SER A 206 -36.07 -11.29 28.08
N ALA A 207 -37.16 -10.97 27.38
CA ALA A 207 -37.95 -11.98 26.71
C ALA A 207 -37.15 -12.61 25.57
N CYS A 208 -36.43 -11.80 24.79
CA CYS A 208 -35.60 -12.35 23.71
C CYS A 208 -34.53 -13.28 24.27
N LEU A 209 -33.85 -12.87 25.36
CA LEU A 209 -32.83 -13.73 25.97
C LEU A 209 -33.44 -15.01 26.53
N LYS A 210 -34.61 -14.90 27.17
CA LYS A 210 -35.28 -16.08 27.69
C LYS A 210 -35.66 -17.06 26.57
N ALA A 211 -36.09 -16.54 25.41
CA ALA A 211 -36.44 -17.41 24.29
C ALA A 211 -35.23 -18.21 23.81
N PHE A 212 -34.08 -17.55 23.68
CA PHE A 212 -32.85 -18.27 23.34
C PHE A 212 -32.45 -19.25 24.45
N ARG A 213 -32.56 -18.82 25.71
CA ARG A 213 -32.17 -19.72 26.79
C ARG A 213 -33.01 -20.98 26.79
N ASP A 214 -34.32 -20.85 26.57
CA ASP A 214 -35.20 -22.01 26.57
C ASP A 214 -34.88 -22.96 25.42
N ALA A 215 -34.57 -22.43 24.24
CA ALA A 215 -34.25 -23.27 23.09
C ALA A 215 -32.88 -23.94 23.24
N ALA A 216 -31.90 -23.23 23.74
CA ALA A 216 -30.63 -23.83 24.03
C ALA A 216 -30.77 -24.94 25.08
N GLU A 217 -31.54 -24.68 26.14
CA GLU A 217 -31.77 -25.64 27.23
C GLU A 217 -32.29 -26.90 26.71
N ASN A 218 -33.33 -26.77 25.89
CA ASN A 218 -34.00 -27.87 25.30
C ASN A 218 -33.08 -28.70 24.48
N ARG A 219 -32.24 -28.05 23.69
CA ARG A 219 -31.27 -28.79 22.90
C ARG A 219 -30.13 -29.31 23.76
N LEU A 220 -29.68 -28.53 24.74
CA LEU A 220 -28.56 -28.96 25.56
C LEU A 220 -28.98 -30.07 26.52
N ALA A 221 -30.24 -30.07 26.97
CA ALA A 221 -30.71 -31.17 27.80
C ALA A 221 -30.80 -32.48 27.03
N MET A 222 -30.69 -32.43 25.71
CA MET A 222 -30.70 -33.62 24.87
C MET A 222 -29.30 -34.17 24.57
N SER A 223 -28.22 -33.39 24.75
CA SER A 223 -26.92 -33.83 24.25
C SER A 223 -26.39 -34.95 25.15
N LYS A 224 -25.95 -36.04 24.52
CA LYS A 224 -25.27 -37.10 25.24
C LYS A 224 -23.77 -36.90 25.23
N ARG A 225 -23.25 -36.19 24.24
CA ARG A 225 -21.93 -35.60 24.31
C ARG A 225 -21.91 -34.24 23.62
N THR A 226 -21.29 -33.27 24.27
CA THR A 226 -21.21 -31.90 23.80
C THR A 226 -19.75 -31.50 23.63
N ALA A 227 -19.48 -30.77 22.55
CA ALA A 227 -18.18 -30.21 22.25
C ALA A 227 -18.32 -28.69 22.10
N LEU A 228 -17.21 -28.00 22.34
CA LEU A 228 -17.16 -26.53 22.29
C LEU A 228 -16.17 -26.13 21.21
N LEU A 229 -16.62 -25.31 20.27
CA LEU A 229 -15.79 -24.77 19.20
C LEU A 229 -15.82 -23.26 19.28
N ALA A 230 -14.67 -22.66 19.56
CA ALA A 230 -14.55 -21.21 19.72
C ALA A 230 -13.57 -20.64 18.71
N ASP A 231 -13.70 -19.35 18.42
CA ASP A 231 -12.72 -18.78 17.49
C ASP A 231 -12.64 -17.27 17.68
N PHE A 232 -12.07 -16.59 16.68
CA PHE A 232 -11.39 -15.32 16.88
C PHE A 232 -12.30 -14.24 17.40
N LEU A 233 -13.62 -14.38 17.23
CA LEU A 233 -14.52 -13.34 17.71
C LEU A 233 -14.56 -13.28 19.24
N VAL A 234 -14.27 -14.39 19.93
CA VAL A 234 -14.16 -14.29 21.39
C VAL A 234 -12.89 -13.54 21.80
N LEU A 235 -11.83 -13.62 21.00
CA LEU A 235 -10.65 -12.81 21.29
C LEU A 235 -10.94 -11.32 21.13
N ARG A 236 -11.56 -10.93 20.01
CA ARG A 236 -11.76 -9.51 19.75
C ARG A 236 -12.70 -8.87 20.77
N HIS A 237 -13.68 -9.61 21.27
CA HIS A 237 -14.60 -9.06 22.26
C HIS A 237 -14.13 -9.31 23.68
N GLY A 238 -12.86 -9.68 23.86
CA GLY A 238 -12.31 -9.82 25.21
C GLY A 238 -12.96 -10.90 26.03
N LEU A 239 -13.34 -12.01 25.40
CA LEU A 239 -14.01 -13.10 26.10
C LEU A 239 -13.12 -14.32 26.28
N LYS A 240 -11.82 -14.19 26.01
CA LYS A 240 -10.92 -15.33 26.16
C LYS A 240 -10.96 -15.85 27.58
N HIS A 241 -10.89 -14.95 28.58
CA HIS A 241 -10.98 -15.37 29.98
C HIS A 241 -12.23 -16.22 30.22
N ALA A 242 -13.38 -15.75 29.71
CA ALA A 242 -14.66 -16.43 29.96
C ALA A 242 -14.66 -17.84 29.41
N LEU A 243 -14.08 -18.05 28.23
CA LEU A 243 -14.14 -19.35 27.57
C LEU A 243 -13.20 -20.37 28.17
N GLN A 244 -12.02 -19.96 28.65
CA GLN A 244 -11.17 -20.92 29.36
C GLN A 244 -11.80 -21.33 30.70
N LYS A 245 -12.43 -20.37 31.40
CA LYS A 245 -13.14 -20.74 32.63
C LYS A 245 -14.32 -21.67 32.34
N TRP A 246 -14.92 -21.53 31.17
CA TRP A 246 -16.01 -22.40 30.77
C TRP A 246 -15.54 -23.86 30.67
N VAL A 247 -14.43 -24.11 29.96
CA VAL A 247 -14.00 -25.50 29.80
C VAL A 247 -13.43 -26.05 31.10
N LYS A 248 -12.81 -25.21 31.92
CA LYS A 248 -12.42 -25.63 33.27
C LYS A 248 -13.61 -26.10 34.08
N ASP A 249 -14.67 -25.28 34.13
CA ASP A 249 -15.80 -25.61 35.00
C ASP A 249 -16.66 -26.73 34.42
N VAL A 250 -16.73 -26.85 33.10
CA VAL A 250 -17.49 -27.92 32.47
C VAL A 250 -16.55 -28.64 31.51
N PRO A 251 -15.82 -29.65 31.98
CA PRO A 251 -14.86 -30.33 31.10
C PRO A 251 -15.56 -30.97 29.91
N MET A 252 -15.14 -30.59 28.71
CA MET A 252 -15.68 -31.15 27.50
C MET A 252 -14.63 -31.06 26.42
N ALA A 253 -14.80 -31.86 25.37
CA ALA A 253 -13.96 -31.70 24.20
C ALA A 253 -14.11 -30.29 23.65
N HIS A 254 -13.00 -29.60 23.50
CA HIS A 254 -13.01 -28.23 22.99
C HIS A 254 -11.87 -28.06 21.99
N ALA A 255 -12.06 -27.12 21.08
CA ALA A 255 -11.06 -26.80 20.07
C ALA A 255 -11.30 -25.39 19.59
N THR A 256 -10.31 -24.83 18.92
CA THR A 256 -10.50 -23.65 18.11
C THR A 256 -10.17 -23.97 16.67
N MET A 257 -10.40 -23.00 15.79
CA MET A 257 -9.90 -23.04 14.42
C MET A 257 -8.62 -22.19 14.37
N LEU A 258 -8.05 -22.04 13.17
CA LEU A 258 -6.74 -21.37 13.06
C LEU A 258 -6.80 -19.92 13.55
N MET A 259 -7.85 -19.18 13.18
CA MET A 259 -7.95 -17.77 13.56
C MET A 259 -8.00 -17.60 15.06
N GLY A 260 -8.75 -18.46 15.75
CA GLY A 260 -8.90 -18.34 17.18
C GLY A 260 -7.87 -19.09 17.99
N LYS A 261 -6.82 -19.60 17.37
CA LYS A 261 -5.81 -20.36 18.12
C LYS A 261 -5.23 -19.51 19.24
N GLY A 262 -5.06 -20.12 20.42
CA GLY A 262 -4.58 -19.42 21.60
C GLY A 262 -5.66 -19.06 22.60
N ILE A 263 -6.93 -19.30 22.27
CA ILE A 263 -7.98 -19.08 23.26
C ILE A 263 -7.80 -20.04 24.43
N PHE A 264 -7.49 -21.30 24.15
CA PHE A 264 -7.36 -22.32 25.16
C PHE A 264 -5.89 -22.66 25.40
N ASP A 265 -5.54 -22.91 26.66
CA ASP A 265 -4.29 -23.59 26.92
C ASP A 265 -4.38 -24.95 26.29
N GLU A 266 -3.54 -25.22 25.31
CA GLU A 266 -3.86 -26.42 24.56
C GLU A 266 -3.43 -27.67 25.30
N ARG A 267 -2.73 -27.56 26.46
CA ARG A 267 -2.30 -28.72 27.24
C ARG A 267 -3.38 -29.27 28.15
N HIS A 268 -4.50 -28.59 28.24
CA HIS A 268 -5.53 -29.01 29.16
C HIS A 268 -6.26 -30.25 28.64
N VAL A 269 -6.85 -30.97 29.59
CA VAL A 269 -7.67 -32.11 29.22
C VAL A 269 -8.86 -31.63 28.37
N GLY A 270 -9.26 -32.45 27.41
CA GLY A 270 -10.36 -32.08 26.52
C GLY A 270 -9.92 -31.43 25.22
N PHE A 271 -8.64 -31.11 25.08
CA PHE A 271 -8.10 -30.52 23.87
C PHE A 271 -7.33 -31.59 23.10
N TYR A 272 -7.64 -31.73 21.80
CA TYR A 272 -7.01 -32.75 20.96
C TYR A 272 -6.29 -32.17 19.75
N GLY A 273 -6.34 -30.86 19.56
CA GLY A 273 -5.78 -30.24 18.38
C GLY A 273 -6.75 -29.25 17.76
N THR A 274 -6.21 -28.46 16.83
CA THR A 274 -6.98 -27.45 16.14
C THR A 274 -7.95 -28.09 15.14
N TYR A 275 -9.13 -27.49 15.00
CA TYR A 275 -10.12 -27.98 14.06
C TYR A 275 -9.92 -27.33 12.69
N SER A 276 -9.82 -28.16 11.66
CA SER A 276 -9.65 -27.65 10.32
C SER A 276 -10.49 -28.44 9.33
N GLY A 277 -11.70 -28.79 9.71
CA GLY A 277 -12.56 -29.53 8.80
C GLY A 277 -12.04 -30.93 8.56
N SER A 278 -12.01 -31.33 7.29
CA SER A 278 -11.51 -32.65 6.92
C SER A 278 -9.99 -32.78 7.07
N ALA A 279 -9.27 -31.67 7.23
CA ALA A 279 -7.83 -31.70 7.47
C ALA A 279 -7.48 -31.94 8.92
N SER A 280 -8.47 -31.99 9.83
CA SER A 280 -8.19 -32.21 11.25
C SER A 280 -7.60 -33.60 11.48
N ALA A 281 -6.89 -33.73 12.59
CA ALA A 281 -6.47 -35.04 13.05
C ALA A 281 -7.69 -35.88 13.42
N GLY A 282 -7.53 -37.20 13.33
CA GLY A 282 -8.68 -38.08 13.54
C GLY A 282 -9.34 -37.86 14.89
N ALA A 283 -8.53 -37.69 15.94
CA ALA A 283 -9.09 -37.41 17.27
C ALA A 283 -9.87 -36.11 17.28
N VAL A 284 -9.35 -35.08 16.59
CA VAL A 284 -10.05 -33.80 16.55
C VAL A 284 -11.39 -33.93 15.83
N LYS A 285 -11.40 -34.64 14.69
CA LYS A 285 -12.66 -34.84 13.96
C LYS A 285 -13.69 -35.54 14.83
N GLU A 286 -13.28 -36.59 15.54
CA GLU A 286 -14.19 -37.30 16.42
C GLU A 286 -14.60 -36.46 17.62
N ALA A 287 -13.67 -35.66 18.17
CA ALA A 287 -13.99 -34.85 19.33
C ALA A 287 -15.07 -33.81 19.02
N ILE A 288 -14.97 -33.15 17.87
CA ILE A 288 -15.88 -32.06 17.56
C ILE A 288 -17.04 -32.58 16.72
N GLU A 289 -16.73 -33.08 15.52
CA GLU A 289 -17.78 -33.49 14.59
C GLU A 289 -18.52 -34.74 15.04
N GLY A 290 -17.94 -35.50 15.98
CA GLY A 290 -18.58 -36.68 16.54
C GLY A 290 -19.52 -36.41 17.68
N ALA A 291 -19.47 -35.21 18.25
CA ALA A 291 -20.39 -34.82 19.29
C ALA A 291 -21.76 -34.53 18.69
N ASP A 292 -22.82 -34.90 19.40
CA ASP A 292 -24.16 -34.63 18.88
C ASP A 292 -24.54 -33.16 19.03
N THR A 293 -23.92 -32.43 19.94
CA THR A 293 -24.14 -30.99 20.06
C THR A 293 -22.79 -30.29 20.12
N VAL A 294 -22.60 -29.32 19.22
CA VAL A 294 -21.38 -28.54 19.18
C VAL A 294 -21.75 -27.07 19.35
N LEU A 295 -21.10 -26.41 20.29
CA LEU A 295 -21.30 -25.00 20.59
C LEU A 295 -20.24 -24.22 19.82
N CYS A 296 -20.68 -23.46 18.82
CA CYS A 296 -19.78 -22.64 17.99
C CYS A 296 -19.85 -21.20 18.50
N ILE A 297 -18.76 -20.74 19.11
CA ILE A 297 -18.73 -19.45 19.77
C ILE A 297 -17.83 -18.51 18.98
N GLY A 298 -18.45 -17.54 18.31
CA GLY A 298 -17.72 -16.56 17.52
C GLY A 298 -16.96 -17.16 16.36
N THR A 299 -17.56 -18.09 15.63
CA THR A 299 -16.91 -18.80 14.55
C THR A 299 -17.30 -18.22 13.20
N ARG A 300 -16.35 -18.24 12.26
CA ARG A 300 -16.57 -17.97 10.85
C ARG A 300 -15.87 -19.08 10.06
N PHE A 301 -16.64 -19.84 9.28
CA PHE A 301 -16.10 -21.01 8.59
C PHE A 301 -15.56 -20.61 7.21
N THR A 302 -14.38 -19.97 7.22
CA THR A 302 -13.74 -19.56 5.97
C THR A 302 -13.12 -20.76 5.25
N ASP A 303 -12.76 -20.55 3.99
CA ASP A 303 -12.25 -21.66 3.20
C ASP A 303 -10.97 -22.25 3.80
N THR A 304 -10.04 -21.39 4.23
CA THR A 304 -8.78 -21.89 4.79
C THR A 304 -9.02 -22.66 6.09
N LEU A 305 -9.86 -22.12 6.99
CA LEU A 305 -10.09 -22.74 8.29
C LEU A 305 -10.78 -24.08 8.19
N THR A 306 -11.44 -24.36 7.08
CA THR A 306 -12.19 -25.61 6.87
C THR A 306 -11.58 -26.48 5.77
N ALA A 307 -10.37 -26.17 5.30
CA ALA A 307 -9.69 -26.93 4.25
C ALA A 307 -10.60 -27.16 3.04
N GLY A 308 -11.25 -26.08 2.59
CA GLY A 308 -12.13 -26.12 1.43
C GLY A 308 -13.59 -26.36 1.75
N PHE A 309 -14.05 -25.82 2.88
CA PHE A 309 -15.43 -26.00 3.32
C PHE A 309 -15.78 -27.47 3.46
N THR A 310 -14.88 -28.24 4.07
CA THR A 310 -15.04 -29.67 4.28
C THR A 310 -15.41 -30.01 5.73
N HIS A 311 -15.88 -29.04 6.49
CA HIS A 311 -16.37 -29.30 7.84
C HIS A 311 -17.74 -29.96 7.79
N GLN A 312 -17.93 -30.98 8.63
CA GLN A 312 -19.21 -31.70 8.75
C GLN A 312 -19.90 -31.28 10.05
N LEU A 313 -20.65 -30.18 9.99
CA LEU A 313 -21.44 -29.74 11.16
C LEU A 313 -22.79 -29.26 10.64
N THR A 314 -23.85 -30.01 10.97
CA THR A 314 -25.17 -29.63 10.50
C THR A 314 -25.75 -28.52 11.38
N PRO A 315 -26.69 -27.73 10.84
CA PRO A 315 -27.35 -26.71 11.69
C PRO A 315 -28.05 -27.32 12.90
N SER A 316 -28.66 -28.48 12.73
CA SER A 316 -29.32 -29.16 13.84
C SER A 316 -28.33 -29.60 14.91
N GLN A 317 -27.08 -29.83 14.52
CA GLN A 317 -26.03 -30.25 15.44
C GLN A 317 -25.46 -29.11 16.26
N THR A 318 -25.73 -27.85 15.90
CA THR A 318 -24.96 -26.74 16.42
C THR A 318 -25.83 -25.74 17.16
N ILE A 319 -25.20 -25.05 18.10
CA ILE A 319 -25.70 -23.81 18.68
C ILE A 319 -24.63 -22.78 18.40
N GLU A 320 -25.00 -21.68 17.79
CA GLU A 320 -24.03 -20.74 17.26
C GLU A 320 -24.19 -19.38 17.94
N VAL A 321 -23.07 -18.81 18.38
CA VAL A 321 -23.07 -17.52 19.06
C VAL A 321 -22.27 -16.55 18.21
N GLN A 322 -22.90 -15.42 17.85
CA GLN A 322 -22.27 -14.38 17.04
C GLN A 322 -22.36 -13.07 17.81
N PRO A 323 -21.68 -12.00 17.39
CA PRO A 323 -21.62 -10.80 18.23
C PRO A 323 -22.95 -10.22 18.69
N HIS A 324 -23.96 -10.19 17.81
CA HIS A 324 -25.26 -9.62 18.17
C HIS A 324 -26.41 -10.60 18.03
N ALA A 325 -26.12 -11.86 17.70
CA ALA A 325 -27.18 -12.83 17.51
C ALA A 325 -26.66 -14.23 17.75
N SER A 326 -27.57 -15.12 18.14
CA SER A 326 -27.24 -16.52 18.32
C SER A 326 -28.33 -17.38 17.69
N ARG A 327 -27.95 -18.60 17.34
CA ARG A 327 -28.82 -19.53 16.66
C ARG A 327 -28.81 -20.85 17.40
N VAL A 328 -29.99 -21.42 17.58
CA VAL A 328 -30.15 -22.79 18.06
C VAL A 328 -30.85 -23.54 16.95
N GLY A 329 -30.18 -24.54 16.39
CA GLY A 329 -30.78 -25.29 15.30
C GLY A 329 -31.06 -24.40 14.11
N ASP A 330 -32.33 -24.32 13.71
CA ASP A 330 -32.74 -23.52 12.56
C ASP A 330 -33.27 -22.13 12.93
N VAL A 331 -33.31 -21.77 14.23
CA VAL A 331 -33.92 -20.52 14.67
C VAL A 331 -32.84 -19.57 15.17
N TRP A 332 -32.88 -18.33 14.68
CA TRP A 332 -31.96 -17.29 15.09
C TRP A 332 -32.62 -16.40 16.14
N PHE A 333 -31.82 -15.95 17.11
CA PHE A 333 -32.29 -15.06 18.17
C PHE A 333 -31.44 -13.80 18.09
N THR A 334 -31.96 -12.76 17.45
CA THR A 334 -31.16 -11.58 17.17
C THR A 334 -31.35 -10.54 18.27
N GLY A 335 -30.38 -9.62 18.37
CA GLY A 335 -30.39 -8.63 19.44
C GLY A 335 -29.96 -9.17 20.79
N ILE A 336 -29.04 -10.13 20.81
CA ILE A 336 -28.52 -10.73 22.03
C ILE A 336 -27.00 -10.54 22.05
N PRO A 337 -26.44 -9.80 23.00
CA PRO A 337 -24.99 -9.66 23.05
C PRO A 337 -24.32 -11.01 23.28
N MET A 338 -23.19 -11.19 22.59
CA MET A 338 -22.44 -12.44 22.67
C MET A 338 -22.12 -12.80 24.12
N LEU A 339 -21.81 -11.80 24.94
CA LEU A 339 -21.48 -12.06 26.34
C LEU A 339 -22.64 -12.74 27.05
N GLN A 340 -23.86 -12.22 26.84
CA GLN A 340 -25.04 -12.80 27.47
C GLN A 340 -25.33 -14.19 26.92
N ALA A 341 -25.15 -14.39 25.61
CA ALA A 341 -25.33 -15.72 25.05
C ALA A 341 -24.37 -16.71 25.67
N ILE A 342 -23.13 -16.27 25.92
CA ILE A 342 -22.14 -17.16 26.50
C ILE A 342 -22.44 -17.44 27.97
N GLU A 343 -22.78 -16.39 28.75
CA GLU A 343 -23.11 -16.61 30.15
C GLU A 343 -24.29 -17.54 30.31
N THR A 344 -25.28 -17.41 29.44
CA THR A 344 -26.42 -18.32 29.46
C THR A 344 -25.96 -19.75 29.20
N LEU A 345 -25.16 -19.94 28.14
CA LEU A 345 -24.72 -21.28 27.79
C LEU A 345 -23.82 -21.87 28.87
N VAL A 346 -22.97 -21.04 29.50
CA VAL A 346 -22.15 -21.51 30.61
C VAL A 346 -23.06 -21.99 31.73
N GLU A 347 -24.06 -21.18 32.07
CA GLU A 347 -25.00 -21.60 33.09
C GLU A 347 -25.72 -22.86 32.66
N LEU A 348 -26.13 -22.96 31.39
CA LEU A 348 -26.84 -24.18 30.99
C LEU A 348 -25.91 -25.39 30.95
N CYS A 349 -24.62 -25.19 30.65
CA CYS A 349 -23.71 -26.32 30.53
C CYS A 349 -23.37 -26.93 31.89
N LYS A 350 -23.32 -26.13 32.95
CA LYS A 350 -23.10 -26.72 34.27
C LYS A 350 -24.24 -27.64 34.71
N GLN A 351 -25.42 -27.53 34.09
CA GLN A 351 -26.58 -28.34 34.41
C GLN A 351 -26.64 -29.64 33.61
N HIS A 352 -26.48 -29.55 32.28
CA HIS A 352 -26.89 -30.61 31.37
C HIS A 352 -25.73 -31.35 30.71
N VAL A 353 -24.51 -30.85 30.81
CA VAL A 353 -23.33 -31.55 30.31
C VAL A 353 -22.79 -32.43 31.42
N HIS A 354 -22.61 -33.72 31.13
CA HIS A 354 -22.21 -34.69 32.13
C HIS A 354 -20.90 -35.40 31.80
N ASP A 355 -20.31 -35.14 30.63
CA ASP A 355 -19.19 -35.96 30.17
C ASP A 355 -17.89 -35.52 30.85
N THR A 356 -16.97 -36.48 30.96
CA THR A 356 -15.61 -36.22 31.44
C THR A 356 -14.64 -36.71 30.37
N PRO A 357 -13.72 -35.86 29.88
CA PRO A 357 -12.78 -36.30 28.84
C PRO A 357 -11.63 -37.16 29.37
N VAL A 358 -11.87 -37.88 30.47
CA VAL A 358 -11.00 -38.87 31.10
C VAL A 358 -9.56 -38.39 31.25
N PRO A 359 -9.28 -37.52 32.25
CA PRO A 359 -7.93 -37.02 32.56
C PRO A 359 -6.90 -38.13 32.81
N PRO A 370 14.93 -33.93 16.18
CA PRO A 370 15.98 -34.96 16.26
C PRO A 370 16.27 -35.60 14.89
N ASP A 371 16.70 -34.78 13.94
CA ASP A 371 16.89 -35.21 12.55
C ASP A 371 18.22 -34.72 11.98
N GLY A 372 18.36 -34.83 10.66
CA GLY A 372 19.43 -34.19 9.91
C GLY A 372 18.95 -32.98 9.12
N SER A 373 18.74 -33.17 7.81
CA SER A 373 18.35 -32.08 6.92
C SER A 373 17.00 -31.50 7.31
N LEU A 374 16.87 -30.18 7.17
CA LEU A 374 15.64 -29.51 7.59
C LEU A 374 14.48 -29.86 6.66
N THR A 375 13.35 -30.19 7.26
CA THR A 375 12.10 -30.39 6.57
C THR A 375 11.01 -29.60 7.28
N GLN A 376 9.85 -29.48 6.63
CA GLN A 376 8.70 -28.91 7.30
C GLN A 376 8.38 -29.70 8.56
N ASP A 377 8.44 -31.03 8.46
CA ASP A 377 8.11 -31.86 9.61
C ASP A 377 9.07 -31.60 10.77
N ASN A 378 10.39 -31.70 10.55
CA ASN A 378 11.23 -31.55 11.74
C ASN A 378 11.36 -30.10 12.20
N PHE A 379 11.09 -29.13 11.33
CA PHE A 379 11.10 -27.74 11.76
C PHE A 379 10.02 -27.47 12.81
N TRP A 380 8.79 -27.93 12.53
CA TRP A 380 7.69 -27.65 13.45
C TRP A 380 7.81 -28.46 14.74
N LYS A 381 8.36 -29.68 14.66
CA LYS A 381 8.67 -30.43 15.87
C LYS A 381 9.70 -29.71 16.72
N THR A 382 10.73 -29.14 16.08
CA THR A 382 11.73 -28.38 16.80
C THR A 382 11.11 -27.12 17.42
N LEU A 383 10.28 -26.41 16.66
CA LEU A 383 9.64 -25.21 17.21
C LEU A 383 8.72 -25.53 18.37
N GLN A 384 8.09 -26.70 18.35
CA GLN A 384 7.22 -27.12 19.44
C GLN A 384 8.00 -27.18 20.76
N THR A 385 9.24 -27.65 20.73
CA THR A 385 9.99 -27.68 21.99
C THR A 385 10.45 -26.30 22.42
N PHE A 386 10.37 -25.30 21.56
CA PHE A 386 10.93 -23.99 21.90
C PHE A 386 9.92 -23.04 22.55
N ILE A 387 8.63 -23.15 22.21
CA ILE A 387 7.66 -22.16 22.68
C ILE A 387 7.42 -22.30 24.17
N ARG A 388 7.01 -21.20 24.80
CA ARG A 388 6.82 -21.09 26.24
C ARG A 388 5.53 -20.34 26.54
N PRO A 389 4.99 -20.50 27.75
CA PRO A 389 3.91 -19.61 28.19
C PRO A 389 4.33 -18.16 28.13
N GLY A 390 3.36 -17.29 27.83
CA GLY A 390 3.64 -15.88 27.68
C GLY A 390 4.13 -15.48 26.31
N ASP A 391 4.30 -16.44 25.40
CA ASP A 391 4.80 -16.11 24.08
C ASP A 391 3.74 -15.40 23.22
N ILE A 392 4.23 -14.52 22.34
CA ILE A 392 3.45 -13.94 21.26
C ILE A 392 3.99 -14.52 19.96
N ILE A 393 3.17 -15.29 19.27
CA ILE A 393 3.57 -16.01 18.06
C ILE A 393 2.79 -15.45 16.88
N LEU A 394 3.50 -15.01 15.86
CA LEU A 394 2.88 -14.52 14.64
C LEU A 394 3.38 -15.38 13.48
N ALA A 395 2.44 -15.87 12.65
CA ALA A 395 2.74 -16.71 11.51
C ALA A 395 2.03 -16.17 10.27
N ASP A 396 2.76 -15.96 9.18
CA ASP A 396 2.21 -15.36 7.97
C ASP A 396 1.62 -16.44 7.06
N GLN A 397 0.76 -15.99 6.14
CA GLN A 397 0.11 -16.89 5.20
C GLN A 397 1.15 -17.58 4.33
N GLY A 398 0.93 -18.86 4.09
CA GLY A 398 1.94 -19.68 3.47
C GLY A 398 2.24 -20.83 4.40
N THR A 399 3.37 -21.50 4.19
CA THR A 399 3.67 -22.66 5.02
C THR A 399 3.86 -22.28 6.48
N SER A 400 4.14 -21.01 6.77
CA SER A 400 4.27 -20.56 8.14
C SER A 400 2.97 -20.76 8.91
N ALA A 401 1.89 -20.09 8.47
CA ALA A 401 0.62 -20.21 9.17
C ALA A 401 0.05 -21.61 9.05
N PHE A 402 0.27 -22.27 7.92
CA PHE A 402 -0.33 -23.58 7.70
C PHE A 402 0.38 -24.69 8.45
N GLY A 403 1.62 -24.46 8.87
CA GLY A 403 2.30 -25.44 9.68
C GLY A 403 2.20 -25.11 11.15
N ALA A 404 2.11 -23.80 11.45
CA ALA A 404 2.01 -23.37 12.84
C ALA A 404 0.74 -23.87 13.51
N ILE A 405 -0.29 -24.24 12.73
CA ILE A 405 -1.55 -24.73 13.28
C ILE A 405 -1.38 -26.03 14.07
N ASP A 406 -0.32 -26.76 13.81
CA ASP A 406 -0.06 -28.01 14.48
C ASP A 406 0.68 -27.86 15.81
N LEU A 407 1.05 -26.64 16.14
CA LEU A 407 1.72 -26.39 17.36
C LEU A 407 0.80 -26.51 18.57
N ARG A 408 1.23 -27.22 19.60
CA ARG A 408 0.51 -27.38 20.85
C ARG A 408 0.93 -26.26 21.81
N LEU A 409 0.10 -25.24 21.89
CA LEU A 409 0.37 -24.05 22.67
C LEU A 409 0.08 -24.14 24.13
N PRO A 410 1.01 -23.62 24.91
CA PRO A 410 0.90 -23.57 26.36
C PRO A 410 -0.01 -22.44 26.79
N ALA A 411 -0.07 -22.23 28.08
CA ALA A 411 -0.96 -21.20 28.57
C ALA A 411 -0.43 -19.80 28.25
N ASP A 412 -1.36 -18.86 28.13
CA ASP A 412 -1.06 -17.44 28.01
C ASP A 412 -0.27 -17.12 26.74
N VAL A 413 -0.64 -17.76 25.64
CA VAL A 413 -0.02 -17.48 24.35
C VAL A 413 -0.94 -16.62 23.50
N ASN A 414 -0.40 -15.54 22.98
CA ASN A 414 -1.10 -14.72 22.00
C ASN A 414 -0.62 -15.17 20.61
N PHE A 415 -1.50 -15.87 19.88
CA PHE A 415 -1.19 -16.45 18.57
C PHE A 415 -1.87 -15.60 17.50
N ILE A 416 -1.08 -14.87 16.73
CA ILE A 416 -1.61 -13.89 15.80
C ILE A 416 -1.45 -14.41 14.37
N VAL A 417 -2.59 -14.58 13.69
CA VAL A 417 -2.62 -15.08 12.33
C VAL A 417 -3.78 -14.40 11.60
N GLN A 418 -3.63 -14.27 10.29
CA GLN A 418 -4.58 -13.51 9.47
C GLN A 418 -5.03 -14.35 8.29
N PRO A 419 -5.76 -15.45 8.54
CA PRO A 419 -6.12 -16.36 7.44
C PRO A 419 -7.31 -15.93 6.62
N LEU A 420 -8.12 -15.00 7.11
CA LEU A 420 -9.27 -14.55 6.35
C LEU A 420 -8.86 -13.51 5.30
N TRP A 421 -8.22 -12.43 5.75
CA TRP A 421 -7.68 -11.47 4.79
C TRP A 421 -6.47 -12.06 4.07
N GLY A 422 -5.54 -12.65 4.81
CA GLY A 422 -4.42 -13.38 4.19
C GLY A 422 -3.43 -12.54 3.43
N SER A 423 -3.06 -11.37 3.95
CA SER A 423 -2.14 -10.48 3.25
C SER A 423 -0.72 -10.83 3.71
N ILE A 424 0.09 -11.41 2.80
CA ILE A 424 1.47 -11.72 3.18
C ILE A 424 2.24 -10.41 3.35
N GLY A 425 3.16 -10.43 4.30
CA GLY A 425 3.83 -9.24 4.77
C GLY A 425 3.22 -8.67 6.04
N TYR A 426 2.00 -9.08 6.37
CA TYR A 426 1.37 -8.57 7.57
C TYR A 426 2.17 -8.94 8.83
N THR A 427 2.69 -10.18 8.88
CA THR A 427 3.26 -10.71 10.10
C THR A 427 4.45 -9.89 10.59
N LEU A 428 5.38 -9.57 9.69
CA LEU A 428 6.60 -8.86 10.08
C LEU A 428 6.26 -7.49 10.66
N ALA A 429 5.38 -6.74 9.99
CA ALA A 429 5.04 -5.41 10.50
C ALA A 429 4.16 -5.49 11.75
N ALA A 430 3.24 -6.46 11.78
CA ALA A 430 2.38 -6.63 12.95
C ALA A 430 3.19 -7.02 14.18
N ALA A 431 4.28 -7.78 13.97
CA ALA A 431 5.13 -8.16 15.08
C ALA A 431 5.75 -6.93 15.73
N PHE A 432 6.14 -5.95 14.91
CA PHE A 432 6.62 -4.68 15.43
C PHE A 432 5.55 -3.99 16.28
N GLY A 433 4.28 -4.05 15.85
CA GLY A 433 3.20 -3.50 16.65
C GLY A 433 2.96 -4.25 17.95
N ALA A 434 2.99 -5.59 17.90
CA ALA A 434 2.79 -6.42 19.08
C ALA A 434 3.92 -6.24 20.09
N GLN A 435 5.16 -6.16 19.61
CA GLN A 435 6.27 -5.93 20.52
C GLN A 435 6.16 -4.56 21.17
N THR A 436 5.73 -3.56 20.40
CA THR A 436 5.46 -2.23 20.96
C THR A 436 4.39 -2.30 22.04
N ALA A 437 3.33 -3.06 21.78
CA ALA A 437 2.28 -3.23 22.79
C ALA A 437 2.81 -3.96 24.02
N CYS A 438 3.66 -4.97 23.82
CA CYS A 438 4.12 -5.84 24.90
C CYS A 438 5.64 -5.89 24.88
N PRO A 439 6.30 -4.85 25.39
CA PRO A 439 7.78 -4.83 25.37
C PRO A 439 8.43 -5.87 26.28
N ASN A 440 7.70 -6.42 27.24
CA ASN A 440 8.25 -7.39 28.18
C ASN A 440 7.91 -8.82 27.80
N ARG A 441 7.40 -9.07 26.59
CA ARG A 441 7.00 -10.40 26.18
C ARG A 441 7.83 -10.86 24.99
N ARG A 442 8.06 -12.18 24.91
CA ARG A 442 8.90 -12.75 23.87
C ARG A 442 8.07 -12.94 22.60
N VAL A 443 8.52 -12.35 21.51
CA VAL A 443 7.76 -12.33 20.27
C VAL A 443 8.48 -13.19 19.26
N ILE A 444 7.76 -14.17 18.72
CA ILE A 444 8.30 -15.11 17.73
C ILE A 444 7.58 -14.85 16.41
N VAL A 445 8.34 -14.44 15.40
CA VAL A 445 7.82 -14.09 14.09
C VAL A 445 8.14 -15.25 13.15
N LEU A 446 7.12 -15.83 12.55
CA LEU A 446 7.27 -16.93 11.59
C LEU A 446 6.80 -16.43 10.24
N THR A 447 7.75 -16.05 9.37
CA THR A 447 7.41 -15.49 8.07
C THR A 447 8.10 -16.25 6.95
N GLY A 448 7.40 -16.41 5.83
CA GLY A 448 8.04 -16.93 4.64
C GLY A 448 9.01 -15.91 4.06
N ASP A 449 9.92 -16.40 3.22
CA ASP A 449 10.84 -15.50 2.54
C ASP A 449 10.09 -14.54 1.63
N GLY A 450 9.08 -15.04 0.91
CA GLY A 450 8.30 -14.16 0.07
C GLY A 450 7.59 -13.08 0.86
N ALA A 451 6.93 -13.48 1.96
CA ALA A 451 6.14 -12.53 2.73
C ALA A 451 7.00 -11.42 3.31
N ALA A 452 8.20 -11.77 3.81
CA ALA A 452 9.07 -10.78 4.45
C ALA A 452 9.55 -9.72 3.47
N GLN A 453 9.63 -10.05 2.18
CA GLN A 453 10.05 -9.07 1.20
C GLN A 453 9.08 -7.90 1.11
N LEU A 454 7.80 -8.13 1.46
CA LEU A 454 6.77 -7.10 1.29
C LEU A 454 6.88 -5.98 2.31
N THR A 455 7.38 -6.27 3.52
CA THR A 455 7.40 -5.26 4.58
C THR A 455 8.77 -5.18 5.26
N ILE A 456 9.81 -5.56 4.55
CA ILE A 456 11.14 -5.60 5.10
C ILE A 456 11.61 -4.35 5.84
N GLN A 457 11.21 -3.19 5.41
CA GLN A 457 11.62 -1.97 6.03
C GLN A 457 11.23 -1.82 7.49
N GLU A 458 10.30 -2.62 7.95
CA GLU A 458 9.90 -2.54 9.36
C GLU A 458 10.92 -3.15 10.29
N LEU A 459 11.76 -4.05 9.79
CA LEU A 459 12.86 -4.53 10.58
C LEU A 459 13.72 -3.37 11.05
N GLY A 460 13.89 -2.37 10.18
CA GLY A 460 14.57 -1.16 10.60
C GLY A 460 13.90 -0.50 11.79
N SER A 461 12.58 -0.47 11.80
CA SER A 461 11.86 0.09 12.94
C SER A 461 12.10 -0.73 14.21
N MET A 462 12.09 -2.05 14.10
CA MET A 462 12.40 -2.88 15.26
C MET A 462 13.82 -2.61 15.76
N LEU A 463 14.78 -2.51 14.83
CA LEU A 463 16.15 -2.24 15.24
C LEU A 463 16.26 -0.86 15.88
N ARG A 464 15.61 0.14 15.30
CA ARG A 464 15.66 1.49 15.87
C ARG A 464 15.11 1.52 17.30
N ASP A 465 14.06 0.75 17.57
CA ASP A 465 13.42 0.75 18.88
C ASP A 465 14.00 -0.31 19.82
N LYS A 466 15.08 -0.99 19.40
CA LYS A 466 15.82 -1.93 20.26
C LYS A 466 14.94 -3.09 20.71
N GLN A 467 14.03 -3.52 19.84
CA GLN A 467 13.22 -4.69 20.11
C GLN A 467 14.03 -5.96 19.90
N HIS A 468 13.59 -7.04 20.56
CA HIS A 468 14.29 -8.33 20.49
C HIS A 468 13.34 -9.46 20.13
N PRO A 469 12.72 -9.41 18.95
CA PRO A 469 11.93 -10.56 18.50
C PRO A 469 12.80 -11.69 18.00
N ILE A 470 12.21 -12.87 17.94
CA ILE A 470 12.85 -14.03 17.31
C ILE A 470 12.20 -14.18 15.94
N ILE A 471 12.91 -13.78 14.90
CA ILE A 471 12.40 -13.80 13.54
C ILE A 471 12.94 -15.06 12.84
N LEU A 472 12.03 -15.95 12.43
CA LEU A 472 12.39 -17.16 11.70
C LEU A 472 11.89 -17.01 10.27
N VAL A 473 12.82 -16.88 9.32
CA VAL A 473 12.48 -16.73 7.92
C VAL A 473 12.51 -18.09 7.25
N LEU A 474 11.37 -18.52 6.73
CA LEU A 474 11.30 -19.80 6.04
C LEU A 474 11.80 -19.59 4.62
N ASN A 475 13.09 -19.88 4.39
CA ASN A 475 13.73 -19.71 3.10
C ASN A 475 13.61 -21.02 2.34
N ASN A 476 12.52 -21.13 1.56
CA ASN A 476 12.35 -22.18 0.56
C ASN A 476 12.54 -21.64 -0.84
N GLU A 477 13.03 -20.40 -0.97
CA GLU A 477 13.39 -19.81 -2.26
C GLU A 477 12.18 -19.70 -3.19
N GLY A 478 11.17 -18.99 -2.72
CA GLY A 478 10.03 -18.64 -3.53
C GLY A 478 8.75 -18.85 -2.76
N TYR A 479 7.64 -18.79 -3.49
CA TYR A 479 6.29 -18.96 -2.95
C TYR A 479 5.91 -20.43 -3.00
N THR A 480 6.20 -21.16 -1.91
CA THR A 480 5.95 -22.60 -1.93
C THR A 480 4.46 -22.92 -1.96
N VAL A 481 3.65 -22.14 -1.22
CA VAL A 481 2.22 -22.42 -1.20
C VAL A 481 1.61 -22.22 -2.58
N LEU A 482 2.04 -21.17 -3.30
CA LEU A 482 1.59 -21.02 -4.68
C LEU A 482 2.09 -22.17 -5.55
N ARG A 483 3.36 -22.55 -5.35
CA ARG A 483 3.92 -23.69 -6.07
C ARG A 483 3.07 -24.95 -5.87
N ALA A 484 2.63 -25.16 -4.63
CA ALA A 484 1.77 -26.31 -4.33
C ALA A 484 0.42 -26.19 -5.02
N ILE A 485 -0.05 -24.96 -5.25
CA ILE A 485 -1.37 -24.79 -5.85
C ILE A 485 -1.31 -24.97 -7.36
N HIS A 486 -0.38 -24.28 -8.01
CA HIS A 486 -0.31 -24.32 -9.47
C HIS A 486 1.06 -23.88 -9.96
N GLY A 487 1.63 -24.65 -10.90
CA GLY A 487 2.87 -24.29 -11.56
C GLY A 487 4.09 -24.29 -10.66
N PRO A 488 4.47 -25.46 -10.12
CA PRO A 488 5.65 -25.49 -9.23
C PRO A 488 6.92 -25.02 -9.89
N GLU A 489 7.11 -25.34 -11.17
CA GLU A 489 8.29 -24.93 -11.92
C GLU A 489 8.17 -23.54 -12.53
N GLN A 490 7.01 -22.88 -12.42
CA GLN A 490 6.79 -21.67 -13.17
C GLN A 490 7.58 -20.52 -12.54
N ARG A 491 8.19 -19.72 -13.39
CA ARG A 491 9.02 -18.61 -12.96
C ARG A 491 8.31 -17.57 -12.10
N TYR A 492 6.98 -17.46 -12.19
CA TYR A 492 6.23 -16.50 -11.38
C TYR A 492 6.25 -16.83 -9.87
N ASN A 493 6.42 -18.09 -9.56
CA ASN A 493 6.58 -18.57 -8.24
C ASN A 493 7.99 -18.38 -7.68
N ASP A 494 8.94 -17.83 -8.43
CA ASP A 494 10.26 -17.46 -7.95
C ASP A 494 10.25 -16.06 -7.35
N ILE A 495 11.30 -15.75 -6.59
CA ILE A 495 11.50 -14.43 -6.03
C ILE A 495 12.98 -14.07 -6.15
N ALA A 496 13.27 -12.79 -5.98
CA ALA A 496 14.65 -12.36 -5.80
C ALA A 496 15.22 -13.02 -4.55
N LEU A 497 16.44 -13.52 -4.65
CA LEU A 497 17.05 -14.25 -3.54
C LEU A 497 17.83 -13.26 -2.68
N TRP A 498 17.33 -13.00 -1.48
CA TRP A 498 17.95 -12.03 -0.59
C TRP A 498 19.00 -12.70 0.28
N ASN A 499 19.83 -11.87 0.90
CA ASN A 499 20.85 -12.30 1.85
C ASN A 499 20.35 -11.97 3.26
N TRP A 500 19.53 -12.86 3.81
CA TRP A 500 18.73 -12.54 4.99
C TRP A 500 19.60 -12.18 6.19
N THR A 501 20.67 -12.93 6.43
CA THR A 501 21.47 -12.68 7.61
C THR A 501 22.18 -11.32 7.57
N GLN A 502 22.23 -10.67 6.42
CA GLN A 502 22.86 -9.36 6.33
C GLN A 502 21.86 -8.20 6.40
N ILE A 503 20.57 -8.49 6.50
CA ILE A 503 19.57 -7.42 6.48
C ILE A 503 19.70 -6.47 7.67
N PRO A 504 19.79 -6.95 8.93
CA PRO A 504 19.91 -5.99 10.05
C PRO A 504 21.11 -5.08 9.95
N GLN A 505 22.23 -5.60 9.44
CA GLN A 505 23.43 -4.79 9.29
C GLN A 505 23.25 -3.72 8.22
N ALA A 506 22.28 -3.89 7.32
CA ALA A 506 22.01 -2.87 6.34
C ALA A 506 20.95 -1.87 6.79
N LEU A 507 19.97 -2.32 7.60
CA LEU A 507 18.87 -1.47 8.04
C LEU A 507 19.11 -0.81 9.41
N SER A 508 20.35 -0.82 9.90
CA SER A 508 20.67 -0.18 11.16
C SER A 508 22.16 0.12 11.19
N LEU A 509 22.53 1.25 11.76
CA LEU A 509 23.94 1.60 11.88
C LEU A 509 24.65 0.83 12.96
N ASP A 510 23.92 0.26 13.91
CA ASP A 510 24.49 -0.52 15.01
C ASP A 510 23.43 -1.48 15.51
N PRO A 511 23.13 -2.55 14.79
CA PRO A 511 21.98 -3.38 15.17
C PRO A 511 22.25 -4.18 16.43
N GLN A 512 21.31 -4.08 17.38
CA GLN A 512 21.27 -4.99 18.52
C GLN A 512 20.67 -6.31 18.02
N ALA A 513 21.49 -7.03 17.25
CA ALA A 513 20.97 -8.13 16.45
C ALA A 513 22.03 -9.20 16.28
N GLN A 514 21.57 -10.44 16.17
CA GLN A 514 22.43 -11.55 15.79
C GLN A 514 21.66 -12.47 14.85
N CYS A 515 22.30 -12.88 13.76
CA CYS A 515 21.65 -13.63 12.70
C CYS A 515 22.36 -14.94 12.45
N TRP A 516 21.58 -15.98 12.17
CA TRP A 516 22.07 -17.31 11.89
C TRP A 516 21.44 -17.82 10.61
N ARG A 517 22.15 -18.72 9.94
CA ARG A 517 21.66 -19.45 8.79
C ARG A 517 21.75 -20.94 9.12
N VAL A 518 20.61 -21.62 9.10
CA VAL A 518 20.55 -23.04 9.46
C VAL A 518 20.00 -23.84 8.29
N SER A 519 20.47 -25.08 8.19
CA SER A 519 20.02 -26.01 7.16
C SER A 519 19.75 -27.40 7.71
N GLU A 520 19.97 -27.63 9.00
CA GLU A 520 19.74 -28.92 9.63
C GLU A 520 18.91 -28.76 10.89
N ALA A 521 18.18 -29.83 11.22
CA ALA A 521 17.43 -29.84 12.48
C ALA A 521 18.37 -29.67 13.65
N GLU A 522 19.56 -30.29 13.57
CA GLU A 522 20.63 -30.11 14.53
C GLU A 522 20.90 -28.63 14.78
N GLN A 523 21.21 -27.88 13.73
CA GLN A 523 21.60 -26.49 13.92
C GLN A 523 20.47 -25.65 14.50
N LEU A 524 19.24 -25.84 13.99
CA LEU A 524 18.12 -25.01 14.45
C LEU A 524 17.90 -25.16 15.94
N ALA A 525 17.97 -26.39 16.46
CA ALA A 525 17.78 -26.61 17.90
C ALA A 525 18.85 -25.89 18.72
N ASP A 526 20.11 -25.97 18.28
CA ASP A 526 21.17 -25.25 18.99
C ASP A 526 20.96 -23.75 18.93
N VAL A 527 20.61 -23.22 17.76
CA VAL A 527 20.44 -21.78 17.61
C VAL A 527 19.26 -21.28 18.45
N LEU A 528 18.17 -22.04 18.51
CA LEU A 528 17.04 -21.63 19.34
C LEU A 528 17.44 -21.59 20.82
N GLU A 529 18.24 -22.56 21.26
CA GLU A 529 18.77 -22.53 22.62
C GLU A 529 19.51 -21.24 22.91
N LYS A 530 20.39 -20.83 21.99
CA LYS A 530 21.21 -19.63 22.21
C LYS A 530 20.34 -18.38 22.34
N VAL A 531 19.25 -18.30 21.56
CA VAL A 531 18.39 -17.12 21.47
C VAL A 531 17.23 -17.22 22.47
N ALA A 532 17.31 -18.17 23.41
CA ALA A 532 16.13 -18.55 24.20
C ALA A 532 15.50 -17.36 24.92
N HIS A 533 16.31 -16.53 25.57
CA HIS A 533 15.81 -15.44 26.38
C HIS A 533 15.80 -14.10 25.65
N HIS A 534 15.78 -14.13 24.32
CA HIS A 534 15.66 -12.95 23.44
C HIS A 534 16.47 -11.76 23.97
N GLU A 535 17.77 -12.00 24.13
CA GLU A 535 18.68 -10.96 24.57
C GLU A 535 18.94 -9.92 23.48
N ARG A 536 18.81 -10.31 22.21
CA ARG A 536 18.88 -9.39 21.08
C ARG A 536 17.83 -9.80 20.06
N LEU A 537 17.56 -8.89 19.12
CA LEU A 537 16.85 -9.31 17.93
C LEU A 537 17.63 -10.42 17.25
N SER A 538 16.95 -11.52 16.92
CA SER A 538 17.60 -12.64 16.27
C SER A 538 16.84 -13.05 15.02
N LEU A 539 17.57 -13.18 13.92
CA LEU A 539 17.02 -13.54 12.62
C LEU A 539 17.63 -14.87 12.23
N ILE A 540 16.77 -15.88 12.08
CA ILE A 540 17.20 -17.23 11.76
C ILE A 540 16.73 -17.56 10.36
N GLU A 541 17.67 -17.74 9.44
CA GLU A 541 17.34 -18.12 8.07
C GLU A 541 17.24 -19.64 7.99
N VAL A 542 16.04 -20.17 7.89
CA VAL A 542 15.84 -21.60 7.86
C VAL A 542 15.72 -22.09 6.44
N MET A 543 16.64 -22.92 6.01
CA MET A 543 16.60 -23.44 4.66
C MET A 543 15.72 -24.67 4.51
N LEU A 544 14.66 -24.53 3.71
CA LEU A 544 13.71 -25.60 3.49
C LEU A 544 13.55 -25.99 2.05
N PRO A 545 13.09 -27.20 1.78
CA PRO A 545 12.96 -27.61 0.38
C PRO A 545 11.86 -26.85 -0.34
N LYS A 546 12.05 -26.72 -1.66
CA LYS A 546 11.11 -25.95 -2.47
C LYS A 546 9.73 -26.58 -2.50
N ALA A 547 9.66 -27.90 -2.43
CA ALA A 547 8.38 -28.61 -2.55
C ALA A 547 7.87 -29.14 -1.23
N ASP A 548 8.52 -28.80 -0.11
CA ASP A 548 8.13 -29.32 1.20
C ASP A 548 6.92 -28.56 1.72
N ILE A 549 5.88 -29.31 2.10
CA ILE A 549 4.57 -28.73 2.42
C ILE A 549 4.09 -29.23 3.78
N PRO A 550 3.49 -28.38 4.61
CA PRO A 550 2.88 -28.84 5.88
C PRO A 550 1.61 -29.62 5.61
N PRO A 551 1.21 -30.50 6.54
CA PRO A 551 0.05 -31.37 6.26
C PRO A 551 -1.25 -30.63 5.99
N LEU A 552 -1.49 -29.50 6.65
CA LEU A 552 -2.71 -28.75 6.38
C LEU A 552 -2.75 -28.28 4.92
N LEU A 553 -1.62 -27.79 4.41
CA LEU A 553 -1.58 -27.31 3.04
C LEU A 553 -1.84 -28.45 2.06
N GLY A 554 -1.33 -29.64 2.36
CA GLY A 554 -1.61 -30.80 1.52
C GLY A 554 -3.10 -31.10 1.42
N ALA A 555 -3.82 -31.06 2.55
CA ALA A 555 -5.25 -31.32 2.51
C ALA A 555 -6.01 -30.21 1.81
N ILE A 556 -5.53 -28.97 1.93
CA ILE A 556 -6.18 -27.86 1.23
C ILE A 556 -6.04 -28.04 -0.28
N THR A 557 -4.83 -28.34 -0.76
CA THR A 557 -4.65 -28.52 -2.21
C THR A 557 -5.39 -29.74 -2.71
N LYS A 558 -5.50 -30.79 -1.89
CA LYS A 558 -6.32 -31.93 -2.27
C LYS A 558 -7.77 -31.53 -2.44
N ALA A 559 -8.27 -30.68 -1.52
CA ALA A 559 -9.64 -30.19 -1.62
C ALA A 559 -9.85 -29.30 -2.85
N LEU A 560 -8.79 -28.64 -3.32
CA LEU A 560 -8.92 -27.73 -4.46
C LEU A 560 -9.27 -28.46 -5.74
N GLU A 561 -9.16 -29.79 -5.75
CA GLU A 561 -9.49 -30.57 -6.94
C GLU A 561 -10.94 -30.37 -7.34
N ALA A 562 -11.84 -30.25 -6.36
CA ALA A 562 -13.26 -30.13 -6.66
C ALA A 562 -13.63 -28.72 -7.11
N ARG A 563 -13.42 -27.72 -6.24
CA ARG A 563 -13.94 -26.38 -6.49
C ARG A 563 -13.14 -25.62 -7.54
N ASN A 564 -11.86 -25.94 -7.71
CA ASN A 564 -10.97 -25.23 -8.63
C ASN A 564 -10.58 -26.18 -9.75
N SER A 565 -11.37 -26.18 -10.83
CA SER A 565 -11.11 -27.02 -11.99
C SER A 565 -11.70 -26.38 -13.24
N THR B 17 -4.22 -24.75 -24.07
CA THR B 17 -3.70 -24.18 -25.31
C THR B 17 -4.69 -23.36 -26.18
N PRO B 18 -5.99 -23.67 -26.22
CA PRO B 18 -6.89 -22.90 -27.09
C PRO B 18 -6.92 -21.43 -26.71
N TYR B 19 -6.97 -20.58 -27.74
CA TYR B 19 -7.02 -19.13 -27.54
C TYR B 19 -8.23 -18.75 -26.71
N CYS B 20 -8.01 -17.91 -25.72
CA CYS B 20 -9.05 -17.60 -24.74
C CYS B 20 -8.96 -16.14 -24.34
N VAL B 21 -9.85 -15.75 -23.43
CA VAL B 21 -9.96 -14.35 -23.02
C VAL B 21 -8.64 -13.86 -22.45
N ALA B 22 -7.93 -14.70 -21.70
CA ALA B 22 -6.63 -14.29 -21.16
C ALA B 22 -5.68 -13.92 -22.29
N ASP B 23 -5.63 -14.73 -23.34
CA ASP B 23 -4.79 -14.43 -24.49
C ASP B 23 -5.27 -13.19 -25.22
N TYR B 24 -6.59 -12.99 -25.31
CA TYR B 24 -7.10 -11.80 -25.96
C TYR B 24 -6.65 -10.55 -25.21
N LEU B 25 -6.75 -10.59 -23.87
CA LEU B 25 -6.34 -9.45 -23.06
C LEU B 25 -4.86 -9.13 -23.28
N LEU B 26 -4.02 -10.15 -23.30
CA LEU B 26 -2.59 -9.94 -23.52
C LEU B 26 -2.35 -9.39 -24.92
N ASP B 27 -3.07 -9.90 -25.92
CA ASP B 27 -2.96 -9.37 -27.27
C ASP B 27 -3.30 -7.89 -27.31
N ARG B 28 -4.45 -7.51 -26.74
CA ARG B 28 -4.82 -6.10 -26.73
C ARG B 28 -3.81 -5.27 -25.95
N LEU B 29 -3.26 -5.85 -24.88
CA LEU B 29 -2.33 -5.14 -24.02
C LEU B 29 -1.06 -4.73 -24.78
N THR B 30 -0.50 -5.64 -25.58
CA THR B 30 0.67 -5.28 -26.39
C THR B 30 0.32 -4.22 -27.43
N ASP B 31 -0.86 -4.34 -28.06
CA ASP B 31 -1.29 -3.34 -29.04
C ASP B 31 -1.23 -1.93 -28.46
N CYS B 32 -1.49 -1.79 -27.14
CA CYS B 32 -1.47 -0.48 -26.51
C CYS B 32 -0.08 0.02 -26.20
N GLY B 33 0.93 -0.83 -26.27
CA GLY B 33 2.31 -0.43 -26.09
C GLY B 33 3.04 -0.93 -24.85
N ALA B 34 2.52 -1.95 -24.17
CA ALA B 34 3.20 -2.52 -23.02
C ALA B 34 3.76 -3.89 -23.38
N ASP B 35 5.04 -4.08 -23.12
CA ASP B 35 5.71 -5.36 -23.34
C ASP B 35 6.00 -6.10 -22.05
N HIS B 36 5.60 -5.53 -20.91
CA HIS B 36 5.79 -6.13 -19.61
C HIS B 36 4.53 -5.99 -18.79
N LEU B 37 4.37 -6.93 -17.87
CA LEU B 37 3.29 -6.92 -16.88
C LEU B 37 3.93 -7.02 -15.51
N PHE B 38 3.68 -6.03 -14.67
CA PHE B 38 4.19 -5.97 -13.31
C PHE B 38 3.15 -6.52 -12.34
N GLY B 39 3.61 -6.97 -11.18
CA GLY B 39 2.69 -7.37 -10.13
C GLY B 39 3.26 -8.48 -9.27
N VAL B 40 2.42 -9.02 -8.38
CA VAL B 40 2.81 -10.19 -7.60
C VAL B 40 1.71 -11.23 -7.72
N PRO B 41 2.05 -12.52 -7.79
CA PRO B 41 1.04 -13.54 -8.01
C PRO B 41 0.23 -13.84 -6.77
N GLY B 42 -0.93 -14.47 -7.02
CA GLY B 42 -1.75 -15.00 -5.95
C GLY B 42 -2.55 -16.13 -6.57
N ASP B 43 -3.14 -16.94 -5.71
CA ASP B 43 -3.84 -18.12 -6.22
C ASP B 43 -4.93 -17.74 -7.23
N TYR B 44 -5.53 -16.55 -7.11
CA TYR B 44 -6.62 -16.17 -8.03
C TYR B 44 -6.13 -15.75 -9.42
N ASN B 45 -4.82 -15.60 -9.66
CA ASN B 45 -4.35 -15.18 -10.98
C ASN B 45 -3.26 -16.07 -11.57
N LEU B 46 -2.94 -17.20 -10.92
CA LEU B 46 -1.84 -18.03 -11.40
C LEU B 46 -2.11 -18.57 -12.79
N GLN B 47 -3.34 -18.99 -13.05
CA GLN B 47 -3.68 -19.54 -14.36
C GLN B 47 -3.60 -18.47 -15.44
N PHE B 48 -3.97 -17.23 -15.11
CA PHE B 48 -3.73 -16.13 -16.03
C PHE B 48 -2.25 -15.93 -16.30
N LEU B 49 -1.41 -16.08 -15.27
CA LEU B 49 0.03 -15.88 -15.45
C LEU B 49 0.64 -16.92 -16.37
N ASP B 50 0.03 -18.10 -16.47
CA ASP B 50 0.49 -19.09 -17.43
C ASP B 50 0.47 -18.54 -18.84
N HIS B 51 -0.56 -17.77 -19.18
CA HIS B 51 -0.63 -17.15 -20.50
C HIS B 51 0.36 -16.00 -20.64
N VAL B 52 0.68 -15.32 -19.53
CA VAL B 52 1.71 -14.29 -19.56
C VAL B 52 3.08 -14.91 -19.82
N ILE B 53 3.39 -15.99 -19.10
CA ILE B 53 4.66 -16.69 -19.27
C ILE B 53 4.76 -17.24 -20.69
N ASP B 54 3.68 -17.82 -21.18
CA ASP B 54 3.67 -18.45 -22.48
C ASP B 54 3.64 -17.44 -23.61
N SER B 55 3.30 -16.20 -23.33
CA SER B 55 3.15 -15.24 -24.41
C SER B 55 4.52 -14.79 -24.91
N PRO B 56 4.78 -14.82 -26.21
CA PRO B 56 6.03 -14.25 -26.73
C PRO B 56 6.02 -12.74 -26.87
N ASP B 57 4.99 -12.05 -26.41
CA ASP B 57 4.88 -10.62 -26.60
C ASP B 57 4.91 -9.82 -25.31
N ILE B 58 4.66 -10.46 -24.17
CA ILE B 58 4.58 -9.80 -22.89
C ILE B 58 5.48 -10.56 -21.92
N CYS B 59 6.29 -9.83 -21.18
CA CYS B 59 7.27 -10.40 -20.26
C CYS B 59 6.78 -10.16 -18.83
N TRP B 60 6.66 -11.24 -18.05
CA TRP B 60 6.24 -11.09 -16.65
C TRP B 60 7.37 -10.51 -15.82
N VAL B 61 7.04 -9.54 -14.96
CA VAL B 61 8.02 -8.89 -14.08
C VAL B 61 7.44 -8.96 -12.67
N GLY B 62 7.80 -10.00 -11.93
CA GLY B 62 7.40 -10.07 -10.53
C GLY B 62 8.09 -8.99 -9.71
N CYS B 63 7.33 -8.34 -8.82
CA CYS B 63 7.83 -7.26 -7.98
C CYS B 63 7.79 -7.69 -6.53
N ALA B 64 8.42 -6.89 -5.65
CA ALA B 64 8.54 -7.27 -4.25
C ALA B 64 7.27 -7.00 -3.44
N ASN B 65 6.46 -6.00 -3.83
CA ASN B 65 5.11 -5.86 -3.31
C ASN B 65 4.27 -5.09 -4.33
N GLU B 66 2.94 -5.10 -4.10
CA GLU B 66 2.03 -4.52 -5.10
C GLU B 66 2.17 -3.00 -5.18
N LEU B 67 2.48 -2.32 -4.08
CA LEU B 67 2.64 -0.89 -4.16
C LEU B 67 3.81 -0.51 -5.07
N ASN B 68 4.94 -1.19 -4.91
CA ASN B 68 6.09 -0.95 -5.78
C ASN B 68 5.75 -1.30 -7.22
N ALA B 69 5.00 -2.39 -7.42
CA ALA B 69 4.63 -2.79 -8.77
C ALA B 69 3.82 -1.70 -9.48
N SER B 70 2.85 -1.11 -8.78
CA SER B 70 2.06 -0.03 -9.39
C SER B 70 2.92 1.20 -9.68
N TYR B 71 3.86 1.52 -8.79
CA TYR B 71 4.84 2.58 -9.04
C TYR B 71 5.70 2.27 -10.25
N ALA B 72 6.19 1.02 -10.33
CA ALA B 72 7.04 0.63 -11.45
C ALA B 72 6.26 0.71 -12.76
N ALA B 73 5.00 0.28 -12.74
CA ALA B 73 4.17 0.37 -13.94
C ALA B 73 4.00 1.81 -14.37
N ASP B 74 3.80 2.71 -13.40
CA ASP B 74 3.73 4.14 -13.68
C ASP B 74 5.01 4.63 -14.37
N GLY B 75 6.18 4.29 -13.80
CA GLY B 75 7.43 4.68 -14.44
C GLY B 75 7.59 4.08 -15.81
N TYR B 76 7.15 2.84 -15.98
CA TYR B 76 7.17 2.20 -17.29
C TYR B 76 6.30 2.97 -18.30
N ALA B 77 5.07 3.35 -17.91
CA ALA B 77 4.19 4.04 -18.86
C ALA B 77 4.67 5.44 -19.18
N ARG B 78 5.42 6.07 -18.27
CA ARG B 78 6.03 7.35 -18.58
C ARG B 78 7.19 7.21 -19.56
N CYS B 79 7.62 5.98 -19.85
CA CYS B 79 8.65 5.72 -20.85
C CYS B 79 8.10 5.06 -22.11
N LYS B 80 7.07 4.24 -21.99
CA LYS B 80 6.55 3.53 -23.15
C LYS B 80 5.13 3.91 -23.53
N GLY B 81 4.51 4.86 -22.83
CA GLY B 81 3.18 5.33 -23.15
C GLY B 81 2.06 4.47 -22.62
N PHE B 82 2.37 3.34 -21.97
CA PHE B 82 1.34 2.42 -21.50
C PHE B 82 2.00 1.40 -20.58
N ALA B 83 1.22 0.89 -19.62
CA ALA B 83 1.70 -0.12 -18.69
C ALA B 83 0.54 -0.94 -18.15
N ALA B 84 0.87 -2.08 -17.58
CA ALA B 84 -0.14 -2.95 -16.99
C ALA B 84 0.38 -3.53 -15.68
N LEU B 85 -0.55 -3.72 -14.77
CA LEU B 85 -0.27 -4.19 -13.43
C LEU B 85 -1.23 -5.33 -13.13
N LEU B 86 -0.72 -6.40 -12.54
CA LEU B 86 -1.55 -7.55 -12.18
C LEU B 86 -1.44 -7.80 -10.69
N THR B 87 -2.58 -7.82 -10.00
CA THR B 87 -2.59 -8.12 -8.59
C THR B 87 -3.63 -9.20 -8.35
N THR B 88 -3.65 -9.73 -7.13
CA THR B 88 -4.68 -10.67 -6.75
C THR B 88 -5.81 -9.95 -6.03
N PHE B 89 -6.99 -10.56 -6.07
CA PHE B 89 -8.21 -10.00 -5.53
C PHE B 89 -8.04 -9.58 -4.07
N GLY B 90 -8.41 -8.35 -3.76
CA GLY B 90 -8.40 -7.85 -2.39
C GLY B 90 -7.06 -7.40 -1.84
N VAL B 91 -6.21 -8.34 -1.38
CA VAL B 91 -4.96 -7.93 -0.74
C VAL B 91 -4.00 -7.31 -1.75
N GLY B 92 -3.98 -7.84 -2.97
CA GLY B 92 -3.14 -7.27 -4.00
C GLY B 92 -3.64 -5.91 -4.46
N GLU B 93 -4.92 -5.84 -4.87
CA GLU B 93 -5.42 -4.61 -5.46
C GLU B 93 -5.41 -3.46 -4.47
N LEU B 94 -5.82 -3.70 -3.22
CA LEU B 94 -5.86 -2.60 -2.26
C LEU B 94 -4.46 -2.11 -1.89
N SER B 95 -3.45 -2.97 -2.04
CA SER B 95 -2.07 -2.57 -1.80
C SER B 95 -1.56 -1.63 -2.90
N ALA B 96 -2.08 -1.75 -4.12
CA ALA B 96 -1.64 -0.92 -5.22
C ALA B 96 -2.42 0.38 -5.33
N MET B 97 -3.38 0.61 -4.41
CA MET B 97 -4.33 1.71 -4.58
C MET B 97 -3.65 3.07 -4.61
N ASN B 98 -2.65 3.28 -3.75
CA ASN B 98 -1.94 4.55 -3.79
C ASN B 98 -1.23 4.76 -5.12
N GLY B 99 -0.77 3.67 -5.74
CA GLY B 99 -0.09 3.79 -7.02
C GLY B 99 -1.02 4.15 -8.16
N ILE B 100 -2.16 3.46 -8.25
CA ILE B 100 -3.13 3.76 -9.30
C ILE B 100 -3.67 5.17 -9.13
N ALA B 101 -3.89 5.61 -7.89
CA ALA B 101 -4.38 6.97 -7.66
C ALA B 101 -3.38 8.01 -8.17
N GLY B 102 -2.09 7.79 -7.89
CA GLY B 102 -1.07 8.69 -8.41
C GLY B 102 -1.03 8.69 -9.93
N SER B 103 -1.24 7.51 -10.52
CA SER B 103 -1.35 7.44 -11.97
C SER B 103 -2.55 8.23 -12.46
N TYR B 104 -3.69 8.15 -11.74
CA TYR B 104 -4.85 8.94 -12.12
C TYR B 104 -4.58 10.43 -11.99
N ALA B 105 -3.94 10.84 -10.88
CA ALA B 105 -3.70 12.25 -10.63
C ALA B 105 -2.80 12.86 -11.70
N GLU B 106 -1.80 12.11 -12.16
CA GLU B 106 -0.83 12.63 -13.09
C GLU B 106 -1.03 12.12 -14.51
N HIS B 107 -2.19 11.52 -14.80
CA HIS B 107 -2.57 11.12 -16.15
C HIS B 107 -1.55 10.16 -16.76
N VAL B 108 -1.40 9.00 -16.11
CA VAL B 108 -0.50 7.95 -16.58
C VAL B 108 -1.38 6.75 -16.93
N PRO B 109 -1.32 6.26 -18.17
CA PRO B 109 -2.20 5.14 -18.55
C PRO B 109 -1.70 3.79 -18.07
N VAL B 110 -2.06 3.43 -16.84
CA VAL B 110 -1.70 2.15 -16.24
C VAL B 110 -2.95 1.29 -16.13
N LEU B 111 -2.90 0.07 -16.68
CA LEU B 111 -4.03 -0.84 -16.61
C LEU B 111 -3.89 -1.75 -15.38
N HIS B 112 -4.90 -1.73 -14.52
CA HIS B 112 -4.93 -2.57 -13.33
C HIS B 112 -5.78 -3.81 -13.63
N ILE B 113 -5.11 -4.96 -13.71
CA ILE B 113 -5.76 -6.26 -13.85
C ILE B 113 -5.81 -6.91 -12.47
N VAL B 114 -6.97 -7.45 -12.11
CA VAL B 114 -7.16 -8.07 -10.80
C VAL B 114 -7.66 -9.49 -11.00
N GLY B 115 -6.81 -10.47 -10.68
CA GLY B 115 -7.27 -11.85 -10.71
C GLY B 115 -8.20 -12.13 -9.54
N ALA B 116 -9.36 -12.69 -9.85
CA ALA B 116 -10.45 -12.81 -8.89
C ALA B 116 -10.95 -14.25 -8.86
N PRO B 117 -11.65 -14.64 -7.78
CA PRO B 117 -12.28 -15.96 -7.73
C PRO B 117 -13.29 -16.15 -8.86
N GLY B 118 -13.51 -17.41 -9.22
CA GLY B 118 -14.47 -17.73 -10.26
C GLY B 118 -15.87 -17.23 -9.92
N THR B 119 -16.65 -17.00 -10.97
CA THR B 119 -17.97 -16.39 -10.83
C THR B 119 -18.90 -17.23 -9.95
N ALA B 120 -18.83 -18.56 -10.05
CA ALA B 120 -19.69 -19.42 -9.23
C ALA B 120 -19.40 -19.23 -7.75
N SER B 121 -18.11 -19.13 -7.39
CA SER B 121 -17.74 -18.87 -6.00
C SER B 121 -18.25 -17.50 -5.56
N GLN B 122 -18.18 -16.52 -6.45
CA GLN B 122 -18.65 -15.18 -6.10
C GLN B 122 -20.17 -15.18 -5.92
N GLN B 123 -20.89 -15.81 -6.85
CA GLN B 123 -22.35 -15.82 -6.78
C GLN B 123 -22.82 -16.58 -5.54
N ARG B 124 -22.08 -17.61 -5.12
CA ARG B 124 -22.44 -18.35 -3.91
C ARG B 124 -22.12 -17.59 -2.63
N GLY B 125 -21.46 -16.45 -2.71
CA GLY B 125 -21.14 -15.66 -1.52
C GLY B 125 -20.24 -16.38 -0.53
N GLU B 126 -19.28 -17.16 -1.02
CA GLU B 126 -18.46 -17.99 -0.13
C GLU B 126 -17.50 -17.15 0.71
N LEU B 127 -17.19 -17.67 1.89
CA LEU B 127 -16.26 -17.00 2.81
C LEU B 127 -14.82 -17.35 2.39
N LEU B 128 -14.35 -16.66 1.35
CA LEU B 128 -13.04 -16.94 0.75
C LEU B 128 -11.97 -16.02 1.32
N HIS B 129 -10.73 -16.48 1.25
CA HIS B 129 -9.61 -15.63 1.64
C HIS B 129 -9.53 -14.42 0.72
N HIS B 130 -8.97 -13.33 1.26
CA HIS B 130 -8.91 -12.02 0.59
C HIS B 130 -10.27 -11.35 0.48
N THR B 131 -11.26 -11.75 1.28
CA THR B 131 -12.52 -11.02 1.31
C THR B 131 -12.74 -10.44 2.70
N LEU B 132 -13.75 -9.59 2.81
CA LEU B 132 -14.11 -9.02 4.10
C LEU B 132 -14.94 -9.99 4.94
N GLY B 133 -15.15 -11.21 4.48
CA GLY B 133 -15.94 -12.17 5.23
C GLY B 133 -17.42 -11.95 5.17
N ASP B 134 -17.90 -11.04 4.31
CA ASP B 134 -19.33 -10.77 4.16
C ASP B 134 -19.92 -11.41 2.91
N GLY B 135 -19.15 -12.17 2.15
CA GLY B 135 -19.68 -12.70 0.92
C GLY B 135 -19.80 -11.69 -0.20
N GLU B 136 -19.25 -10.49 -0.03
CA GLU B 136 -19.35 -9.44 -1.05
C GLU B 136 -18.06 -9.38 -1.86
N PHE B 137 -18.19 -9.38 -3.19
CA PHE B 137 -17.01 -9.42 -4.03
C PHE B 137 -16.82 -8.16 -4.86
N ARG B 138 -17.64 -7.14 -4.68
CA ARG B 138 -17.51 -5.94 -5.49
C ARG B 138 -17.04 -4.72 -4.72
N HIS B 139 -16.74 -4.87 -3.42
CA HIS B 139 -16.29 -3.74 -2.61
C HIS B 139 -15.11 -3.05 -3.28
N PHE B 140 -14.08 -3.82 -3.63
CA PHE B 140 -12.83 -3.25 -4.08
C PHE B 140 -12.94 -2.72 -5.50
N TYR B 141 -13.82 -3.31 -6.31
CA TYR B 141 -14.12 -2.75 -7.63
C TYR B 141 -14.68 -1.34 -7.50
N HIS B 142 -15.68 -1.15 -6.62
CA HIS B 142 -16.28 0.16 -6.44
C HIS B 142 -15.32 1.14 -5.78
N MET B 143 -14.45 0.65 -4.88
CA MET B 143 -13.47 1.53 -4.24
C MET B 143 -12.49 2.10 -5.25
N SER B 144 -12.27 1.40 -6.35
CA SER B 144 -11.30 1.87 -7.33
C SER B 144 -11.92 2.84 -8.34
N GLU B 145 -13.23 3.06 -8.29
CA GLU B 145 -13.90 3.96 -9.24
C GLU B 145 -13.37 5.39 -9.26
N PRO B 146 -13.12 6.07 -8.12
CA PRO B 146 -12.63 7.47 -8.23
C PRO B 146 -11.24 7.63 -8.84
N ILE B 147 -10.46 6.55 -8.99
CA ILE B 147 -9.07 6.68 -9.42
C ILE B 147 -8.82 5.96 -10.76
N THR B 148 -9.88 5.67 -11.52
CA THR B 148 -9.73 5.12 -12.87
C THR B 148 -10.74 5.80 -13.78
N VAL B 149 -10.50 5.78 -15.07
CA VAL B 149 -11.39 6.38 -16.01
C VAL B 149 -12.35 5.41 -16.59
N ALA B 150 -12.04 4.14 -16.54
CA ALA B 150 -12.89 3.13 -17.05
C ALA B 150 -12.68 1.87 -16.26
N GLN B 151 -13.69 1.05 -16.25
CA GLN B 151 -13.68 -0.12 -15.46
C GLN B 151 -14.62 -1.15 -15.91
N ALA B 152 -14.33 -2.38 -15.60
CA ALA B 152 -15.17 -3.47 -15.92
C ALA B 152 -14.96 -4.74 -15.12
N ILE B 153 -16.06 -5.43 -14.87
CA ILE B 153 -16.05 -6.80 -14.40
C ILE B 153 -16.26 -7.69 -15.62
N LEU B 154 -15.21 -8.39 -16.02
CA LEU B 154 -15.26 -9.24 -17.20
C LEU B 154 -16.13 -10.46 -16.94
N THR B 155 -17.09 -10.69 -17.83
CA THR B 155 -17.93 -11.88 -17.76
C THR B 155 -17.76 -12.65 -19.05
N GLU B 156 -18.30 -13.88 -19.04
CA GLU B 156 -18.30 -14.69 -20.25
C GLU B 156 -19.03 -13.99 -21.40
N GLN B 157 -19.96 -13.08 -21.10
CA GLN B 157 -20.82 -12.45 -22.08
C GLN B 157 -20.35 -11.08 -22.55
N ASN B 158 -19.38 -10.48 -21.87
CA ASN B 158 -18.97 -9.12 -22.21
C ASN B 158 -17.48 -8.95 -22.42
N ALA B 159 -16.69 -10.02 -22.26
CA ALA B 159 -15.28 -9.85 -21.92
C ALA B 159 -14.52 -9.09 -22.99
N CYS B 160 -14.63 -9.50 -24.26
CA CYS B 160 -13.76 -8.93 -25.28
C CYS B 160 -14.09 -7.47 -25.54
N TYR B 161 -15.38 -7.10 -25.57
CA TYR B 161 -15.63 -5.70 -25.81
C TYR B 161 -15.47 -4.85 -24.57
N GLU B 162 -15.57 -5.43 -23.37
CA GLU B 162 -15.25 -4.62 -22.21
C GLU B 162 -13.73 -4.40 -22.10
N ILE B 163 -12.93 -5.38 -22.51
CA ILE B 163 -11.49 -5.16 -22.59
C ILE B 163 -11.18 -4.02 -23.53
N ASP B 164 -11.81 -4.03 -24.72
CA ASP B 164 -11.53 -3.03 -25.74
C ASP B 164 -12.01 -1.63 -25.32
N ARG B 165 -13.19 -1.54 -24.70
CA ARG B 165 -13.73 -0.25 -24.26
C ARG B 165 -12.84 0.39 -23.18
N VAL B 166 -12.42 -0.41 -22.20
CA VAL B 166 -11.60 0.12 -21.12
C VAL B 166 -10.24 0.58 -21.64
N LEU B 167 -9.58 -0.23 -22.48
CA LEU B 167 -8.27 0.16 -23.00
C LEU B 167 -8.38 1.39 -23.89
N THR B 168 -9.43 1.45 -24.71
CA THR B 168 -9.66 2.61 -25.57
C THR B 168 -9.86 3.87 -24.76
N THR B 169 -10.64 3.79 -23.68
CA THR B 169 -10.82 4.95 -22.81
C THR B 169 -9.50 5.37 -22.17
N MET B 170 -8.68 4.40 -21.76
CA MET B 170 -7.36 4.73 -21.20
C MET B 170 -6.50 5.46 -22.24
N LEU B 171 -6.53 4.98 -23.48
CA LEU B 171 -5.74 5.62 -24.53
C LEU B 171 -6.23 7.03 -24.80
N ARG B 172 -7.55 7.24 -24.76
CA ARG B 172 -8.07 8.57 -25.05
C ARG B 172 -7.80 9.55 -23.94
N GLU B 173 -7.99 9.13 -22.69
CA GLU B 173 -7.85 10.02 -21.54
C GLU B 173 -6.43 10.04 -20.96
N ARG B 174 -5.58 9.07 -21.32
CA ARG B 174 -4.24 8.93 -20.74
C ARG B 174 -4.33 8.82 -19.23
N ARG B 175 -5.06 7.81 -18.77
CA ARG B 175 -5.36 7.65 -17.36
C ARG B 175 -5.66 6.19 -17.08
N PRO B 176 -5.61 5.76 -15.82
CA PRO B 176 -5.70 4.33 -15.50
C PRO B 176 -7.08 3.72 -15.71
N GLY B 177 -7.08 2.43 -16.02
CA GLY B 177 -8.30 1.65 -16.05
C GLY B 177 -8.13 0.37 -15.26
N TYR B 178 -9.27 -0.26 -14.96
CA TYR B 178 -9.32 -1.40 -14.05
C TYR B 178 -10.15 -2.51 -14.69
N LEU B 179 -9.65 -3.73 -14.64
CA LEU B 179 -10.39 -4.90 -15.13
C LEU B 179 -10.35 -5.97 -14.07
N MET B 180 -11.52 -6.50 -13.70
CA MET B 180 -11.57 -7.66 -12.81
C MET B 180 -11.74 -8.89 -13.68
N LEU B 181 -10.84 -9.86 -13.49
CA LEU B 181 -10.80 -11.08 -14.32
C LEU B 181 -11.01 -12.30 -13.43
N PRO B 182 -12.24 -12.79 -13.32
CA PRO B 182 -12.47 -14.06 -12.63
C PRO B 182 -11.70 -15.18 -13.32
N ALA B 183 -11.26 -16.16 -12.52
CA ALA B 183 -10.42 -17.22 -13.07
C ALA B 183 -11.13 -17.98 -14.18
N ASP B 184 -12.44 -18.20 -14.01
CA ASP B 184 -13.18 -18.94 -15.03
C ASP B 184 -13.35 -18.13 -16.31
N VAL B 185 -13.54 -16.80 -16.20
CA VAL B 185 -13.72 -16.01 -17.41
C VAL B 185 -12.44 -15.99 -18.25
N ALA B 186 -11.26 -15.94 -17.60
CA ALA B 186 -10.01 -15.87 -18.36
C ALA B 186 -9.82 -17.08 -19.27
N LYS B 187 -10.37 -18.24 -18.90
CA LYS B 187 -10.27 -19.44 -19.70
C LYS B 187 -11.36 -19.55 -20.78
N LYS B 188 -12.26 -18.58 -20.88
CA LYS B 188 -13.34 -18.70 -21.86
C LYS B 188 -12.79 -18.47 -23.25
N ALA B 189 -13.33 -19.22 -24.22
CA ALA B 189 -12.83 -19.16 -25.60
C ALA B 189 -12.99 -17.77 -26.18
N ALA B 190 -11.99 -17.34 -26.93
CA ALA B 190 -12.03 -16.07 -27.62
C ALA B 190 -11.45 -16.28 -29.02
N THR B 191 -11.47 -15.23 -29.83
CA THR B 191 -10.97 -15.26 -31.19
C THR B 191 -9.89 -14.21 -31.32
N PRO B 192 -8.74 -14.54 -31.90
CA PRO B 192 -7.70 -13.54 -32.12
C PRO B 192 -8.20 -12.47 -33.08
N PRO B 193 -8.04 -11.20 -32.74
CA PRO B 193 -8.52 -10.14 -33.61
C PRO B 193 -7.62 -9.94 -34.82
N VAL B 194 -8.26 -9.77 -35.98
CA VAL B 194 -7.56 -9.41 -37.20
C VAL B 194 -7.04 -7.97 -37.12
N ASN B 195 -7.76 -7.08 -36.44
CA ASN B 195 -7.37 -5.68 -36.35
C ASN B 195 -6.77 -5.39 -34.97
N ALA B 196 -5.74 -4.55 -34.96
CA ALA B 196 -5.07 -4.12 -33.74
C ALA B 196 -5.76 -2.91 -33.14
N LEU B 197 -5.77 -2.84 -31.80
CA LEU B 197 -6.46 -1.78 -31.09
C LEU B 197 -5.86 -0.41 -31.42
N THR B 198 -6.67 0.46 -32.01
CA THR B 198 -6.19 1.67 -32.65
C THR B 198 -6.62 2.93 -31.88
N LEU B 199 -5.66 3.84 -31.69
CA LEU B 199 -5.87 5.15 -31.08
C LEU B 199 -6.51 6.07 -32.12
N ARG B 200 -7.84 6.06 -32.18
CA ARG B 200 -8.55 6.85 -33.19
C ARG B 200 -8.33 8.34 -32.97
N HIS B 201 -7.77 9.01 -33.98
CA HIS B 201 -7.55 10.45 -33.91
C HIS B 201 -8.89 11.18 -34.02
N ALA B 202 -9.27 11.89 -32.95
CA ALA B 202 -10.49 12.67 -33.00
C ALA B 202 -10.30 13.95 -33.80
N HIS B 203 -11.38 14.44 -34.39
CA HIS B 203 -11.36 15.68 -35.15
C HIS B 203 -12.48 16.56 -34.61
N ALA B 204 -12.15 17.81 -34.33
CA ALA B 204 -13.16 18.74 -33.88
C ALA B 204 -14.12 19.07 -35.03
N ASP B 205 -15.32 19.51 -34.66
CA ASP B 205 -16.22 20.06 -35.63
C ASP B 205 -15.59 21.30 -36.26
N SER B 206 -15.71 21.41 -37.60
CA SER B 206 -14.99 22.46 -38.31
C SER B 206 -15.38 23.85 -37.83
N ALA B 207 -16.68 24.06 -37.56
CA ALA B 207 -17.11 25.35 -37.06
C ALA B 207 -16.51 25.67 -35.70
N CYS B 208 -16.48 24.70 -34.79
CA CYS B 208 -15.91 24.93 -33.46
C CYS B 208 -14.42 25.24 -33.55
N LEU B 209 -13.68 24.45 -34.33
CA LEU B 209 -12.25 24.71 -34.48
C LEU B 209 -12.01 26.07 -35.11
N LYS B 210 -12.83 26.44 -36.11
CA LYS B 210 -12.69 27.76 -36.73
C LYS B 210 -12.96 28.87 -35.73
N ALA B 211 -13.98 28.69 -34.88
CA ALA B 211 -14.28 29.68 -33.83
C ALA B 211 -13.13 29.81 -32.85
N PHE B 212 -12.53 28.69 -32.44
CA PHE B 212 -11.35 28.79 -31.60
C PHE B 212 -10.20 29.46 -32.35
N ARG B 213 -9.98 29.07 -33.62
CA ARG B 213 -8.90 29.67 -34.40
C ARG B 213 -9.10 31.18 -34.57
N ASP B 214 -10.34 31.59 -34.86
CA ASP B 214 -10.61 33.01 -35.09
C ASP B 214 -10.38 33.84 -33.81
N ALA B 215 -10.80 33.32 -32.65
CA ALA B 215 -10.59 34.05 -31.41
C ALA B 215 -9.10 34.07 -31.02
N ALA B 216 -8.40 32.94 -31.23
CA ALA B 216 -6.97 32.90 -30.99
C ALA B 216 -6.23 33.82 -31.95
N GLU B 217 -6.64 33.84 -33.21
CA GLU B 217 -5.99 34.68 -34.20
C GLU B 217 -6.15 36.16 -33.84
N ASN B 218 -7.34 36.55 -33.42
CA ASN B 218 -7.55 37.92 -32.96
C ASN B 218 -6.69 38.24 -31.74
N ARG B 219 -6.56 37.28 -30.83
CA ARG B 219 -5.74 37.51 -29.64
C ARG B 219 -4.25 37.49 -29.98
N LEU B 220 -3.84 36.61 -30.90
CA LEU B 220 -2.43 36.54 -31.26
C LEU B 220 -2.00 37.76 -32.07
N ALA B 221 -2.93 38.35 -32.82
CA ALA B 221 -2.66 39.61 -33.51
C ALA B 221 -2.47 40.77 -32.54
N MET B 222 -2.77 40.57 -31.25
CA MET B 222 -2.57 41.57 -30.21
C MET B 222 -1.17 41.54 -29.62
N SER B 223 -0.47 40.42 -29.76
CA SER B 223 0.70 40.17 -28.94
C SER B 223 1.87 41.02 -29.38
N LYS B 224 2.56 41.61 -28.41
CA LYS B 224 3.79 42.35 -28.70
C LYS B 224 4.98 41.40 -28.70
N ARG B 225 4.98 40.39 -27.82
CA ARG B 225 5.71 39.14 -28.01
C ARG B 225 4.97 38.05 -27.25
N THR B 226 5.08 36.83 -27.75
CA THR B 226 4.34 35.69 -27.22
C THR B 226 5.32 34.72 -26.56
N ALA B 227 4.91 34.16 -25.43
CA ALA B 227 5.71 33.17 -24.74
C ALA B 227 4.92 31.87 -24.64
N LEU B 228 5.64 30.76 -24.54
CA LEU B 228 5.04 29.44 -24.54
C LEU B 228 5.38 28.74 -23.24
N LEU B 229 4.34 28.30 -22.50
CA LEU B 229 4.51 27.52 -21.29
C LEU B 229 3.80 26.19 -21.49
N ALA B 230 4.55 25.10 -21.44
CA ALA B 230 4.01 23.76 -21.65
C ALA B 230 4.24 22.94 -20.39
N ASP B 231 3.45 21.87 -20.23
CA ASP B 231 3.65 21.03 -19.06
C ASP B 231 3.13 19.61 -19.33
N PHE B 232 2.94 18.83 -18.26
CA PHE B 232 3.01 17.39 -18.35
C PHE B 232 1.96 16.78 -19.29
N LEU B 233 0.87 17.49 -19.57
CA LEU B 233 -0.16 16.92 -20.43
C LEU B 233 0.31 16.79 -21.89
N VAL B 234 1.24 17.62 -22.34
CA VAL B 234 1.76 17.35 -23.67
C VAL B 234 2.64 16.10 -23.66
N LEU B 235 3.29 15.79 -22.53
CA LEU B 235 4.03 14.53 -22.44
C LEU B 235 3.09 13.33 -22.48
N ARG B 236 2.00 13.37 -21.71
CA ARG B 236 1.11 12.22 -21.66
C ARG B 236 0.41 11.96 -23.00
N HIS B 237 0.12 13.02 -23.77
CA HIS B 237 -0.59 12.87 -25.04
C HIS B 237 0.36 12.77 -26.24
N GLY B 238 1.63 12.48 -26.01
CA GLY B 238 2.57 12.23 -27.09
C GLY B 238 2.79 13.43 -27.99
N LEU B 239 2.84 14.62 -27.40
CA LEU B 239 3.00 15.86 -28.16
C LEU B 239 4.37 16.49 -27.96
N LYS B 240 5.33 15.73 -27.43
CA LYS B 240 6.66 16.27 -27.17
C LYS B 240 7.29 16.80 -28.46
N HIS B 241 7.19 16.03 -29.54
CA HIS B 241 7.69 16.49 -30.84
C HIS B 241 7.08 17.83 -31.24
N ALA B 242 5.75 17.95 -31.12
CA ALA B 242 5.07 19.13 -31.62
C ALA B 242 5.57 20.41 -30.95
N LEU B 243 5.76 20.36 -29.64
CA LEU B 243 6.17 21.59 -28.95
C LEU B 243 7.64 21.90 -29.19
N GLN B 244 8.47 20.87 -29.36
CA GLN B 244 9.86 21.12 -29.72
C GLN B 244 9.96 21.72 -31.11
N LYS B 245 9.20 21.19 -32.04
CA LYS B 245 9.24 21.70 -33.37
C LYS B 245 8.70 23.09 -33.41
N TRP B 246 7.69 23.35 -32.61
CA TRP B 246 7.05 24.63 -32.54
C TRP B 246 7.97 25.76 -32.12
N VAL B 247 8.85 25.54 -31.17
CA VAL B 247 9.75 26.59 -30.73
C VAL B 247 10.87 26.81 -31.76
N LYS B 248 11.18 25.77 -32.50
CA LYS B 248 12.16 25.80 -33.55
C LYS B 248 11.70 26.69 -34.68
N ASP B 249 10.49 26.46 -35.16
CA ASP B 249 9.89 27.22 -36.23
C ASP B 249 9.48 28.61 -35.81
N VAL B 250 9.11 28.79 -34.56
CA VAL B 250 8.77 30.09 -34.03
C VAL B 250 9.56 30.29 -32.75
N PRO B 251 10.81 30.76 -32.84
CA PRO B 251 11.60 30.96 -31.62
C PRO B 251 10.93 31.97 -30.71
N MET B 252 10.63 31.56 -29.49
CA MET B 252 10.05 32.42 -28.48
C MET B 252 10.49 31.93 -27.12
N ALA B 253 10.37 32.82 -26.14
CA ALA B 253 10.62 32.42 -24.77
C ALA B 253 9.69 31.28 -24.39
N HIS B 254 10.25 30.18 -23.93
CA HIS B 254 9.47 29.02 -23.58
C HIS B 254 9.99 28.44 -22.27
N ALA B 255 9.10 27.77 -21.54
CA ALA B 255 9.45 27.14 -20.28
C ALA B 255 8.46 26.02 -20.03
N THR B 256 8.82 25.15 -19.11
CA THR B 256 7.88 24.24 -18.50
C THR B 256 7.83 24.54 -17.01
N MET B 257 6.92 23.85 -16.34
CA MET B 257 6.93 23.76 -14.89
C MET B 257 7.57 22.42 -14.50
N LEU B 258 7.58 22.11 -13.20
CA LEU B 258 8.34 20.93 -12.75
C LEU B 258 7.80 19.65 -13.39
N MET B 259 6.48 19.51 -13.46
CA MET B 259 5.88 18.27 -13.98
C MET B 259 6.26 18.05 -15.44
N GLY B 260 6.25 19.11 -16.23
CA GLY B 260 6.55 18.97 -17.64
C GLY B 260 8.01 19.07 -18.01
N LYS B 261 8.90 19.11 -17.04
CA LYS B 261 10.32 19.22 -17.34
C LYS B 261 10.76 18.08 -18.25
N GLY B 262 11.59 18.40 -19.24
CA GLY B 262 12.03 17.46 -20.25
C GLY B 262 11.35 17.59 -21.60
N ILE B 263 10.32 18.41 -21.72
CA ILE B 263 9.63 18.62 -22.98
C ILE B 263 10.62 19.30 -23.94
N PHE B 264 11.35 20.26 -23.45
CA PHE B 264 12.29 20.97 -24.24
C PHE B 264 13.74 20.68 -23.89
N ASP B 265 14.63 20.98 -24.84
CA ASP B 265 16.07 20.91 -24.67
C ASP B 265 16.33 22.23 -24.03
N GLU B 266 16.82 22.22 -22.82
CA GLU B 266 16.97 23.41 -22.00
C GLU B 266 18.21 24.23 -22.32
N ARG B 267 19.08 23.76 -23.22
CA ARG B 267 20.19 24.59 -23.68
C ARG B 267 19.84 25.47 -24.87
N HIS B 268 18.67 25.27 -25.49
CA HIS B 268 18.32 25.98 -26.70
C HIS B 268 17.94 27.43 -26.43
N VAL B 269 18.09 28.27 -27.46
CA VAL B 269 17.74 29.67 -27.31
C VAL B 269 16.25 29.78 -27.01
N GLY B 270 15.89 30.76 -26.18
CA GLY B 270 14.52 30.95 -25.74
C GLY B 270 14.17 30.29 -24.43
N PHE B 271 15.05 29.46 -23.87
CA PHE B 271 14.83 28.81 -22.59
C PHE B 271 15.68 29.51 -21.54
N TYR B 272 15.04 29.89 -20.43
CA TYR B 272 15.71 30.63 -19.35
C TYR B 272 15.65 29.92 -18.01
N GLY B 273 14.99 28.77 -17.92
CA GLY B 273 14.82 28.06 -16.68
C GLY B 273 13.38 27.63 -16.47
N THR B 274 13.20 26.72 -15.51
CA THR B 274 11.87 26.22 -15.20
C THR B 274 11.05 27.29 -14.49
N TYR B 275 9.75 27.33 -14.80
CA TYR B 275 8.84 28.28 -14.20
C TYR B 275 8.23 27.71 -12.92
N SER B 276 8.32 28.48 -11.83
CA SER B 276 7.76 28.04 -10.56
C SER B 276 7.06 29.21 -9.88
N GLY B 277 6.31 29.99 -10.66
CA GLY B 277 5.59 31.11 -10.08
C GLY B 277 6.55 32.16 -9.59
N SER B 278 6.30 32.67 -8.38
CA SER B 278 7.19 33.68 -7.81
C SER B 278 8.55 33.11 -7.43
N ALA B 279 8.69 31.78 -7.36
CA ALA B 279 9.98 31.17 -7.06
C ALA B 279 10.89 31.08 -8.28
N SER B 280 10.39 31.46 -9.46
CA SER B 280 11.19 31.38 -10.67
C SER B 280 12.37 32.34 -10.62
N ALA B 281 13.39 32.04 -11.42
CA ALA B 281 14.48 33.00 -11.57
C ALA B 281 13.95 34.27 -12.23
N GLY B 282 14.61 35.39 -11.93
CA GLY B 282 14.13 36.68 -12.43
C GLY B 282 14.03 36.71 -13.94
N ALA B 283 14.99 36.09 -14.62
CA ALA B 283 14.94 36.02 -16.08
C ALA B 283 13.71 35.25 -16.54
N VAL B 284 13.35 34.18 -15.84
CA VAL B 284 12.18 33.38 -16.20
C VAL B 284 10.90 34.18 -16.02
N LYS B 285 10.79 34.92 -14.90
CA LYS B 285 9.59 35.72 -14.67
C LYS B 285 9.34 36.67 -15.83
N GLU B 286 10.38 37.35 -16.29
CA GLU B 286 10.21 38.24 -17.43
C GLU B 286 9.88 37.45 -18.69
N ALA B 287 10.51 36.29 -18.87
CA ALA B 287 10.27 35.49 -20.06
C ALA B 287 8.81 35.04 -20.15
N ILE B 288 8.25 34.58 -19.03
CA ILE B 288 6.88 34.06 -19.04
C ILE B 288 5.90 35.13 -18.56
N GLU B 289 6.02 35.52 -17.29
CA GLU B 289 5.06 36.44 -16.69
C GLU B 289 5.15 37.84 -17.25
N GLY B 290 6.27 38.18 -17.89
CA GLY B 290 6.41 39.49 -18.52
C GLY B 290 5.86 39.57 -19.92
N ALA B 291 5.58 38.43 -20.55
CA ALA B 291 5.00 38.42 -21.88
C ALA B 291 3.54 38.84 -21.81
N ASP B 292 3.10 39.61 -22.81
CA ASP B 292 1.71 40.04 -22.84
C ASP B 292 0.77 38.93 -23.28
N THR B 293 1.27 37.93 -24.02
CA THR B 293 0.49 36.76 -24.41
C THR B 293 1.29 35.53 -24.05
N VAL B 294 0.70 34.66 -23.22
CA VAL B 294 1.34 33.42 -22.81
C VAL B 294 0.44 32.27 -23.27
N LEU B 295 1.03 31.31 -23.98
CA LEU B 295 0.33 30.12 -24.43
C LEU B 295 0.62 29.01 -23.42
N CYS B 296 -0.40 28.61 -22.67
CA CYS B 296 -0.29 27.53 -21.69
C CYS B 296 -0.84 26.25 -22.32
N ILE B 297 0.05 25.29 -22.55
CA ILE B 297 -0.25 24.04 -23.24
C ILE B 297 -0.16 22.91 -22.22
N GLY B 298 -1.30 22.34 -21.88
CA GLY B 298 -1.34 21.22 -20.94
C GLY B 298 -0.84 21.56 -19.54
N THR B 299 -1.23 22.72 -19.02
CA THR B 299 -0.73 23.18 -17.73
C THR B 299 -1.74 22.94 -16.62
N ARG B 300 -1.23 22.62 -15.43
CA ARG B 300 -2.01 22.56 -14.20
C ARG B 300 -1.22 23.31 -13.15
N PHE B 301 -1.78 24.42 -12.65
CA PHE B 301 -1.06 25.29 -11.74
C PHE B 301 -1.33 24.84 -10.31
N THR B 302 -0.65 23.76 -9.92
CA THR B 302 -0.72 23.21 -8.58
C THR B 302 0.08 24.06 -7.61
N ASP B 303 -0.14 23.82 -6.31
CA ASP B 303 0.55 24.62 -5.30
C ASP B 303 2.06 24.46 -5.40
N THR B 304 2.54 23.23 -5.59
CA THR B 304 3.98 23.02 -5.67
C THR B 304 4.57 23.66 -6.92
N LEU B 305 3.90 23.51 -8.07
CA LEU B 305 4.44 24.03 -9.32
C LEU B 305 4.46 25.55 -9.36
N THR B 306 3.64 26.21 -8.55
CA THR B 306 3.53 27.68 -8.52
C THR B 306 4.07 28.28 -7.23
N ALA B 307 4.73 27.48 -6.40
CA ALA B 307 5.27 27.92 -5.11
C ALA B 307 4.20 28.59 -4.26
N GLY B 308 3.04 27.95 -4.16
CA GLY B 308 1.96 28.45 -3.34
C GLY B 308 0.98 29.34 -4.06
N PHE B 309 0.69 29.01 -5.34
CA PHE B 309 -0.22 29.80 -6.18
C PHE B 309 0.23 31.26 -6.27
N THR B 310 1.53 31.45 -6.48
CA THR B 310 2.09 32.79 -6.60
C THR B 310 2.39 33.16 -8.06
N HIS B 311 1.82 32.42 -9.00
CA HIS B 311 1.95 32.74 -10.41
C HIS B 311 1.10 33.94 -10.78
N GLN B 312 1.70 34.86 -11.54
CA GLN B 312 1.01 36.07 -12.00
C GLN B 312 0.69 35.91 -13.48
N LEU B 313 -0.44 35.26 -13.77
CA LEU B 313 -0.90 35.09 -15.15
C LEU B 313 -2.42 35.27 -15.17
N THR B 314 -2.88 36.37 -15.77
CA THR B 314 -4.30 36.66 -15.85
C THR B 314 -4.95 35.90 -17.00
N PRO B 315 -6.26 35.65 -16.92
CA PRO B 315 -6.94 34.97 -18.03
C PRO B 315 -6.84 35.71 -19.36
N SER B 316 -6.93 37.05 -19.36
CA SER B 316 -6.81 37.79 -20.61
C SER B 316 -5.41 37.67 -21.20
N GLN B 317 -4.42 37.43 -20.36
CA GLN B 317 -3.04 37.26 -20.79
C GLN B 317 -2.77 35.90 -21.40
N THR B 318 -3.67 34.93 -21.25
CA THR B 318 -3.34 33.54 -21.52
C THR B 318 -4.21 32.92 -22.61
N ILE B 319 -3.64 31.95 -23.32
CA ILE B 319 -4.37 31.02 -24.16
C ILE B 319 -4.01 29.64 -23.65
N GLU B 320 -5.02 28.87 -23.27
CA GLU B 320 -4.82 27.63 -22.53
C GLU B 320 -5.39 26.47 -23.33
N VAL B 321 -4.58 25.41 -23.49
CA VAL B 321 -4.97 24.22 -24.24
C VAL B 321 -4.98 23.02 -23.28
N GLN B 322 -6.13 22.34 -23.22
CA GLN B 322 -6.33 21.17 -22.36
C GLN B 322 -6.76 19.98 -23.22
N PRO B 323 -6.80 18.75 -22.69
CA PRO B 323 -7.02 17.58 -23.56
C PRO B 323 -8.25 17.64 -24.46
N HIS B 324 -9.38 18.18 -23.99
CA HIS B 324 -10.59 18.21 -24.79
C HIS B 324 -11.14 19.62 -25.03
N ALA B 325 -10.47 20.65 -24.54
CA ALA B 325 -10.99 21.99 -24.69
C ALA B 325 -9.84 22.99 -24.64
N SER B 326 -10.07 24.15 -25.24
CA SER B 326 -9.11 25.24 -25.23
C SER B 326 -9.81 26.54 -24.89
N ARG B 327 -9.04 27.49 -24.33
CA ARG B 327 -9.57 28.75 -23.84
C ARG B 327 -8.75 29.91 -24.40
N VAL B 328 -9.45 30.94 -24.87
CA VAL B 328 -8.86 32.22 -25.26
C VAL B 328 -9.50 33.29 -24.39
N GLY B 329 -8.70 33.94 -23.55
CA GLY B 329 -9.27 34.94 -22.65
C GLY B 329 -10.27 34.29 -21.71
N ASP B 330 -11.51 34.78 -21.75
CA ASP B 330 -12.57 34.30 -20.87
C ASP B 330 -13.49 33.28 -21.55
N VAL B 331 -13.21 32.91 -22.79
CA VAL B 331 -14.10 32.08 -23.60
C VAL B 331 -13.49 30.68 -23.72
N TRP B 332 -14.30 29.67 -23.48
CA TRP B 332 -13.90 28.27 -23.63
C TRP B 332 -14.43 27.72 -24.94
N PHE B 333 -13.63 26.89 -25.61
CA PHE B 333 -14.02 26.24 -26.86
C PHE B 333 -13.85 24.74 -26.61
N THR B 334 -14.96 24.07 -26.32
CA THR B 334 -14.89 22.68 -25.92
C THR B 334 -15.07 21.76 -27.14
N GLY B 335 -14.70 20.50 -26.96
CA GLY B 335 -14.74 19.55 -28.07
C GLY B 335 -13.66 19.75 -29.11
N ILE B 336 -12.48 20.20 -28.70
CA ILE B 336 -11.35 20.44 -29.59
C ILE B 336 -10.18 19.60 -29.12
N PRO B 337 -9.74 18.62 -29.90
CA PRO B 337 -8.58 17.82 -29.49
C PRO B 337 -7.34 18.69 -29.30
N MET B 338 -6.54 18.32 -28.29
CA MET B 338 -5.32 19.03 -27.96
C MET B 338 -4.41 19.19 -29.18
N LEU B 339 -4.30 18.13 -29.98
CA LEU B 339 -3.45 18.17 -31.16
C LEU B 339 -3.90 19.24 -32.15
N GLN B 340 -5.20 19.30 -32.43
CA GLN B 340 -5.69 20.29 -33.39
C GLN B 340 -5.53 21.70 -32.85
N ALA B 341 -5.77 21.90 -31.55
CA ALA B 341 -5.56 23.20 -30.95
C ALA B 341 -4.11 23.63 -31.06
N ILE B 342 -3.18 22.68 -30.92
CA ILE B 342 -1.76 22.99 -31.04
C ILE B 342 -1.40 23.32 -32.48
N GLU B 343 -1.86 22.49 -33.44
CA GLU B 343 -1.60 22.76 -34.85
C GLU B 343 -2.18 24.10 -35.27
N THR B 344 -3.34 24.46 -34.72
CA THR B 344 -3.89 25.79 -34.97
C THR B 344 -2.96 26.88 -34.44
N LEU B 345 -2.51 26.73 -33.19
CA LEU B 345 -1.65 27.74 -32.58
C LEU B 345 -0.31 27.84 -33.28
N VAL B 346 0.25 26.70 -33.70
CA VAL B 346 1.52 26.69 -34.45
C VAL B 346 1.35 27.46 -35.76
N GLU B 347 0.27 27.18 -36.48
CA GLU B 347 -0.01 27.88 -37.73
C GLU B 347 -0.20 29.38 -37.47
N LEU B 348 -0.94 29.73 -36.41
CA LEU B 348 -1.15 31.15 -36.11
C LEU B 348 0.12 31.83 -35.63
N CYS B 349 1.01 31.09 -34.98
CA CYS B 349 2.22 31.73 -34.46
C CYS B 349 3.19 32.07 -35.57
N LYS B 350 3.19 31.30 -36.65
CA LYS B 350 3.95 31.66 -37.84
C LYS B 350 3.45 32.96 -38.47
N GLN B 351 2.25 33.40 -38.09
CA GLN B 351 1.64 34.63 -38.58
C GLN B 351 2.05 35.84 -37.74
N HIS B 352 1.91 35.75 -36.42
CA HIS B 352 1.91 36.93 -35.57
C HIS B 352 3.09 37.03 -34.61
N VAL B 353 3.87 35.98 -34.44
CA VAL B 353 5.11 36.08 -33.68
C VAL B 353 6.21 36.46 -34.67
N HIS B 354 6.88 37.57 -34.41
CA HIS B 354 7.92 38.09 -35.29
C HIS B 354 9.26 38.28 -34.58
N ASP B 355 9.29 38.11 -33.27
CA ASP B 355 10.44 38.47 -32.44
C ASP B 355 11.47 37.36 -32.42
N THR B 356 12.73 37.74 -32.16
CA THR B 356 13.83 36.79 -31.99
C THR B 356 14.48 37.01 -30.63
N PRO B 357 14.58 35.98 -29.77
CA PRO B 357 15.18 36.17 -28.44
C PRO B 357 16.71 36.25 -28.45
N VAL B 358 17.26 36.96 -29.42
CA VAL B 358 18.69 37.28 -29.58
C VAL B 358 19.57 36.06 -29.33
N PRO B 359 19.66 35.13 -30.31
CA PRO B 359 20.51 33.93 -30.23
C PRO B 359 21.97 34.24 -29.93
N PRO B 370 32.69 22.31 -7.24
CA PRO B 370 34.09 22.62 -6.94
C PRO B 370 34.26 23.22 -5.54
N ASP B 371 33.88 22.44 -4.53
CA ASP B 371 33.84 22.91 -3.14
C ASP B 371 34.54 21.93 -2.21
N GLY B 372 34.33 22.10 -0.91
CA GLY B 372 34.74 21.10 0.05
C GLY B 372 33.55 20.29 0.52
N SER B 373 33.02 20.62 1.69
CA SER B 373 31.93 19.83 2.27
C SER B 373 30.68 19.93 1.39
N LEU B 374 29.97 18.80 1.26
CA LEU B 374 28.81 18.73 0.38
C LEU B 374 27.67 19.57 0.93
N THR B 375 27.06 20.37 0.05
CA THR B 375 25.85 21.11 0.33
C THR B 375 24.86 20.86 -0.79
N GLN B 376 23.62 21.30 -0.57
CA GLN B 376 22.62 21.24 -1.65
C GLN B 376 23.09 22.01 -2.88
N ASP B 377 23.61 23.22 -2.66
CA ASP B 377 24.02 24.06 -3.78
C ASP B 377 25.08 23.37 -4.64
N ASN B 378 26.17 22.88 -4.01
CA ASN B 378 27.22 22.24 -4.81
C ASN B 378 26.87 20.82 -5.20
N PHE B 379 25.90 20.19 -4.54
CA PHE B 379 25.44 18.88 -5.01
C PHE B 379 24.81 18.99 -6.38
N TRP B 380 23.89 19.95 -6.55
CA TRP B 380 23.21 20.11 -7.83
C TRP B 380 24.12 20.72 -8.89
N LYS B 381 25.05 21.58 -8.47
CA LYS B 381 26.05 22.06 -9.41
C LYS B 381 26.88 20.89 -9.95
N THR B 382 27.25 19.96 -9.07
CA THR B 382 27.99 18.79 -9.52
C THR B 382 27.14 17.94 -10.45
N LEU B 383 25.87 17.73 -10.11
CA LEU B 383 25.00 16.92 -10.96
C LEU B 383 24.81 17.56 -12.32
N GLN B 384 24.83 18.90 -12.38
CA GLN B 384 24.65 19.59 -13.65
C GLN B 384 25.70 19.16 -14.67
N THR B 385 26.94 19.00 -14.22
CA THR B 385 28.00 18.57 -15.14
C THR B 385 27.92 17.10 -15.50
N PHE B 386 27.15 16.31 -14.76
CA PHE B 386 27.13 14.87 -14.96
C PHE B 386 26.07 14.42 -15.96
N ILE B 387 24.95 15.14 -16.05
CA ILE B 387 23.84 14.67 -16.85
C ILE B 387 24.20 14.76 -18.34
N ARG B 388 23.59 13.88 -19.13
CA ARG B 388 23.93 13.72 -20.54
C ARG B 388 22.65 13.55 -21.33
N PRO B 389 22.67 13.82 -22.64
CA PRO B 389 21.52 13.48 -23.49
C PRO B 389 21.21 11.99 -23.40
N GLY B 390 19.91 11.67 -23.45
CA GLY B 390 19.43 10.32 -23.32
C GLY B 390 19.19 9.84 -21.90
N ASP B 391 19.51 10.65 -20.89
CA ASP B 391 19.34 10.21 -19.51
C ASP B 391 17.85 10.14 -19.17
N ILE B 392 17.51 9.19 -18.30
CA ILE B 392 16.23 9.13 -17.64
C ILE B 392 16.50 9.49 -16.18
N ILE B 393 15.94 10.61 -15.73
CA ILE B 393 16.21 11.17 -14.41
C ILE B 393 14.90 11.13 -13.61
N LEU B 394 14.97 10.53 -12.42
CA LEU B 394 13.82 10.45 -11.52
C LEU B 394 14.20 11.11 -10.20
N ALA B 395 13.32 11.98 -9.71
CA ALA B 395 13.54 12.73 -8.47
C ALA B 395 12.31 12.63 -7.58
N ASP B 396 12.52 12.28 -6.30
CA ASP B 396 11.40 12.11 -5.39
C ASP B 396 11.08 13.42 -4.68
N GLN B 397 9.85 13.49 -4.14
CA GLN B 397 9.42 14.67 -3.41
C GLN B 397 10.33 14.91 -2.21
N GLY B 398 10.63 16.18 -1.96
CA GLY B 398 11.64 16.53 -0.98
C GLY B 398 12.71 17.39 -1.62
N THR B 399 13.88 17.48 -0.97
CA THR B 399 14.93 18.31 -1.55
C THR B 399 15.40 17.76 -2.89
N SER B 400 15.13 16.47 -3.16
CA SER B 400 15.50 15.87 -4.43
C SER B 400 14.79 16.57 -5.60
N ALA B 401 13.46 16.46 -5.65
CA ALA B 401 12.74 17.05 -6.77
C ALA B 401 12.81 18.56 -6.73
N PHE B 402 12.85 19.16 -5.53
CA PHE B 402 12.85 20.61 -5.43
C PHE B 402 14.19 21.22 -5.79
N GLY B 403 15.27 20.43 -5.81
CA GLY B 403 16.55 20.91 -6.28
C GLY B 403 16.78 20.51 -7.72
N ALA B 404 16.24 19.36 -8.11
CA ALA B 404 16.38 18.93 -9.50
C ALA B 404 15.73 19.91 -10.46
N ILE B 405 14.80 20.75 -9.97
CA ILE B 405 14.12 21.70 -10.84
C ILE B 405 15.08 22.70 -11.46
N ASP B 406 16.23 22.91 -10.83
CA ASP B 406 17.23 23.86 -11.29
C ASP B 406 18.20 23.28 -12.32
N LEU B 407 18.10 21.99 -12.62
CA LEU B 407 18.98 21.40 -13.63
C LEU B 407 18.58 21.91 -15.02
N ARG B 408 19.58 22.29 -15.82
CA ARG B 408 19.40 22.61 -17.23
C ARG B 408 19.52 21.34 -18.06
N LEU B 409 18.39 20.75 -18.42
CA LEU B 409 18.39 19.44 -19.06
C LEU B 409 18.80 19.53 -20.52
N PRO B 410 19.74 18.68 -20.97
CA PRO B 410 20.05 18.62 -22.41
C PRO B 410 18.96 17.89 -23.20
N ALA B 411 19.20 17.62 -24.47
CA ALA B 411 18.19 17.00 -25.31
C ALA B 411 17.97 15.54 -24.92
N ASP B 412 16.75 15.05 -25.20
CA ASP B 412 16.37 13.65 -25.04
C ASP B 412 16.50 13.19 -23.61
N VAL B 413 16.13 14.06 -22.68
CA VAL B 413 16.13 13.69 -21.26
C VAL B 413 14.69 13.43 -20.85
N ASN B 414 14.46 12.26 -20.27
CA ASN B 414 13.19 11.92 -19.67
C ASN B 414 13.31 12.20 -18.18
N PHE B 415 12.62 13.24 -17.71
CA PHE B 415 12.65 13.73 -16.33
C PHE B 415 11.34 13.32 -15.65
N ILE B 416 11.42 12.40 -14.71
CA ILE B 416 10.24 11.82 -14.08
C ILE B 416 10.11 12.37 -12.66
N VAL B 417 9.02 13.08 -12.40
CA VAL B 417 8.74 13.68 -11.09
C VAL B 417 7.23 13.66 -10.88
N GLN B 418 6.82 13.58 -9.61
CA GLN B 418 5.42 13.39 -9.25
C GLN B 418 4.99 14.44 -8.23
N PRO B 419 4.96 15.71 -8.61
CA PRO B 419 4.66 16.77 -7.63
C PRO B 419 3.20 16.95 -7.32
N LEU B 420 2.29 16.46 -8.17
CA LEU B 420 0.87 16.63 -7.89
C LEU B 420 0.40 15.62 -6.86
N TRP B 421 0.59 14.33 -7.14
CA TRP B 421 0.24 13.31 -6.15
C TRP B 421 1.21 13.35 -4.97
N GLY B 422 2.51 13.40 -5.27
CA GLY B 422 3.56 13.60 -4.28
C GLY B 422 3.82 12.48 -3.30
N SER B 423 3.77 11.23 -3.76
CA SER B 423 3.96 10.08 -2.87
C SER B 423 5.44 9.71 -2.81
N ILE B 424 6.06 9.93 -1.65
CA ILE B 424 7.46 9.57 -1.48
C ILE B 424 7.60 8.05 -1.52
N GLY B 425 8.74 7.60 -2.08
CA GLY B 425 8.95 6.21 -2.39
C GLY B 425 8.64 5.84 -3.83
N TYR B 426 7.87 6.68 -4.53
CA TYR B 426 7.54 6.39 -5.92
C TYR B 426 8.81 6.27 -6.77
N THR B 427 9.77 7.16 -6.55
CA THR B 427 10.90 7.32 -7.45
C THR B 427 11.74 6.05 -7.56
N LEU B 428 12.08 5.43 -6.41
CA LEU B 428 12.90 4.23 -6.44
C LEU B 428 12.20 3.11 -7.20
N ALA B 429 10.91 2.90 -6.91
CA ALA B 429 10.17 1.82 -7.58
C ALA B 429 9.87 2.18 -9.03
N ALA B 430 9.56 3.46 -9.30
CA ALA B 430 9.30 3.85 -10.68
C ALA B 430 10.55 3.69 -11.53
N ALA B 431 11.73 3.88 -10.93
CA ALA B 431 13.00 3.71 -11.64
C ALA B 431 13.20 2.26 -12.08
N PHE B 432 12.78 1.30 -11.26
CA PHE B 432 12.83 -0.09 -11.69
C PHE B 432 11.97 -0.29 -12.92
N GLY B 433 10.77 0.31 -12.94
CA GLY B 433 9.92 0.23 -14.11
C GLY B 433 10.49 0.98 -15.30
N ALA B 434 11.07 2.15 -15.07
CA ALA B 434 11.65 2.91 -16.18
C ALA B 434 12.84 2.17 -16.81
N GLN B 435 13.71 1.58 -15.98
CA GLN B 435 14.84 0.83 -16.52
C GLN B 435 14.35 -0.40 -17.28
N THR B 436 13.29 -1.04 -16.78
CA THR B 436 12.70 -2.15 -17.52
C THR B 436 12.21 -1.69 -18.89
N ALA B 437 11.59 -0.50 -18.94
CA ALA B 437 11.13 0.05 -20.21
C ALA B 437 12.30 0.35 -21.14
N CYS B 438 13.38 0.89 -20.60
CA CYS B 438 14.49 1.39 -21.40
C CYS B 438 15.78 0.77 -20.90
N PRO B 439 16.04 -0.50 -21.24
CA PRO B 439 17.26 -1.16 -20.74
C PRO B 439 18.54 -0.60 -21.30
N ASN B 440 18.49 0.11 -22.42
CA ASN B 440 19.70 0.65 -23.04
C ASN B 440 19.96 2.09 -22.69
N ARG B 441 19.22 2.65 -21.72
CA ARG B 441 19.35 4.04 -21.35
C ARG B 441 19.87 4.17 -19.93
N ARG B 442 20.60 5.25 -19.68
CA ARG B 442 21.19 5.46 -18.37
C ARG B 442 20.15 6.09 -17.45
N VAL B 443 19.91 5.46 -16.31
CA VAL B 443 18.85 5.86 -15.37
C VAL B 443 19.49 6.44 -14.12
N ILE B 444 19.09 7.66 -13.77
CA ILE B 444 19.60 8.39 -12.62
C ILE B 444 18.49 8.54 -11.59
N VAL B 445 18.69 7.97 -10.41
CA VAL B 445 17.69 7.96 -9.35
C VAL B 445 18.13 8.95 -8.26
N LEU B 446 17.29 9.95 -8.01
CA LEU B 446 17.52 10.95 -6.97
C LEU B 446 16.42 10.80 -5.92
N THR B 447 16.73 10.13 -4.83
CA THR B 447 15.73 9.89 -3.80
C THR B 447 16.29 10.36 -2.45
N GLY B 448 15.43 10.95 -1.63
CA GLY B 448 15.82 11.22 -0.27
C GLY B 448 15.93 9.94 0.54
N ASP B 449 16.62 10.03 1.68
CA ASP B 449 16.72 8.86 2.55
C ASP B 449 15.34 8.46 3.10
N GLY B 450 14.51 9.43 3.48
CA GLY B 450 13.18 9.10 3.96
C GLY B 450 12.35 8.39 2.91
N ALA B 451 12.35 8.92 1.68
CA ALA B 451 11.52 8.36 0.62
C ALA B 451 11.92 6.92 0.29
N ALA B 452 13.23 6.65 0.25
CA ALA B 452 13.71 5.34 -0.19
C ALA B 452 13.28 4.22 0.75
N GLN B 453 13.06 4.53 2.03
CA GLN B 453 12.69 3.50 2.98
C GLN B 453 11.34 2.88 2.66
N LEU B 454 10.46 3.65 2.01
CA LEU B 454 9.08 3.18 1.79
C LEU B 454 9.02 2.08 0.76
N THR B 455 9.97 2.04 -0.18
CA THR B 455 9.93 1.11 -1.30
C THR B 455 11.26 0.39 -1.52
N ILE B 456 12.11 0.31 -0.49
CA ILE B 456 13.46 -0.24 -0.61
C ILE B 456 13.52 -1.61 -1.25
N GLN B 457 12.49 -2.44 -1.05
CA GLN B 457 12.58 -3.83 -1.50
C GLN B 457 12.68 -3.95 -3.02
N GLU B 458 12.31 -2.91 -3.77
CA GLU B 458 12.42 -3.00 -5.22
C GLU B 458 13.86 -2.93 -5.69
N LEU B 459 14.78 -2.43 -4.86
CA LEU B 459 16.19 -2.50 -5.22
C LEU B 459 16.60 -3.96 -5.44
N GLY B 460 16.03 -4.88 -4.65
CA GLY B 460 16.28 -6.28 -4.91
C GLY B 460 15.84 -6.70 -6.30
N SER B 461 14.67 -6.22 -6.74
CA SER B 461 14.20 -6.51 -8.09
C SER B 461 15.15 -5.95 -9.13
N MET B 462 15.66 -4.75 -8.89
CA MET B 462 16.66 -4.16 -9.78
C MET B 462 17.88 -5.05 -9.87
N LEU B 463 18.38 -5.55 -8.74
CA LEU B 463 19.55 -6.42 -8.76
C LEU B 463 19.23 -7.76 -9.43
N ARG B 464 18.07 -8.34 -9.11
CA ARG B 464 17.72 -9.62 -9.70
C ARG B 464 17.69 -9.53 -11.23
N ASP B 465 17.25 -8.39 -11.75
CA ASP B 465 17.15 -8.18 -13.19
C ASP B 465 18.43 -7.56 -13.76
N LYS B 466 19.47 -7.42 -12.95
CA LYS B 466 20.80 -6.98 -13.39
C LYS B 466 20.74 -5.58 -14.02
N GLN B 467 19.90 -4.71 -13.47
CA GLN B 467 19.87 -3.33 -13.91
C GLN B 467 21.05 -2.54 -13.32
N HIS B 468 21.44 -1.47 -14.03
CA HIS B 468 22.59 -0.65 -13.62
C HIS B 468 22.24 0.83 -13.55
N PRO B 469 21.30 1.21 -12.69
CA PRO B 469 21.03 2.64 -12.49
C PRO B 469 22.04 3.27 -11.56
N ILE B 470 22.14 4.59 -11.65
CA ILE B 470 22.93 5.39 -10.73
C ILE B 470 21.97 5.93 -9.67
N ILE B 471 21.94 5.32 -8.51
CA ILE B 471 21.02 5.68 -7.42
C ILE B 471 21.75 6.59 -6.45
N LEU B 472 21.26 7.82 -6.29
CA LEU B 472 21.84 8.78 -5.36
C LEU B 472 20.84 8.97 -4.22
N VAL B 473 21.22 8.53 -3.02
CA VAL B 473 20.38 8.66 -1.84
C VAL B 473 20.85 9.90 -1.08
N LEU B 474 19.96 10.88 -0.95
CA LEU B 474 20.30 12.11 -0.25
C LEU B 474 20.14 11.87 1.25
N ASN B 475 21.26 11.59 1.92
CA ASN B 475 21.23 11.27 3.34
C ASN B 475 21.44 12.55 4.14
N ASN B 476 20.32 13.18 4.50
CA ASN B 476 20.27 14.28 5.45
C ASN B 476 19.68 13.85 6.80
N GLU B 477 19.54 12.54 7.02
CA GLU B 477 19.11 11.99 8.31
C GLU B 477 17.71 12.49 8.71
N GLY B 478 16.75 12.22 7.83
CA GLY B 478 15.36 12.47 8.17
C GLY B 478 14.62 13.16 7.06
N TYR B 479 13.43 13.65 7.40
CA TYR B 479 12.55 14.36 6.48
C TYR B 479 12.90 15.84 6.53
N THR B 480 13.84 16.26 5.67
CA THR B 480 14.28 17.64 5.73
C THR B 480 13.20 18.60 5.25
N VAL B 481 12.44 18.24 4.22
CA VAL B 481 11.39 19.15 3.75
C VAL B 481 10.32 19.33 4.82
N LEU B 482 9.98 18.26 5.54
CA LEU B 482 9.08 18.40 6.68
C LEU B 482 9.71 19.24 7.77
N ARG B 483 11.00 19.03 8.04
CA ARG B 483 11.69 19.87 9.02
C ARG B 483 11.59 21.34 8.66
N ALA B 484 11.78 21.67 7.38
CA ALA B 484 11.69 23.06 6.96
C ALA B 484 10.25 23.60 7.06
N ILE B 485 9.25 22.73 6.94
CA ILE B 485 7.87 23.20 7.00
C ILE B 485 7.45 23.44 8.44
N HIS B 486 7.67 22.45 9.31
CA HIS B 486 7.24 22.55 10.69
C HIS B 486 8.01 21.54 11.53
N GLY B 487 8.47 21.98 12.69
CA GLY B 487 9.13 21.11 13.64
C GLY B 487 10.45 20.54 13.19
N PRO B 488 11.44 21.40 12.88
CA PRO B 488 12.77 20.85 12.59
C PRO B 488 13.34 20.09 13.78
N GLU B 489 12.99 20.52 15.00
CA GLU B 489 13.50 19.90 16.22
C GLU B 489 12.78 18.61 16.57
N GLN B 490 11.58 18.38 16.00
CA GLN B 490 10.68 17.34 16.49
C GLN B 490 11.11 15.95 16.04
N ARG B 491 11.00 15.00 16.98
CA ARG B 491 11.43 13.63 16.74
C ARG B 491 10.65 12.98 15.60
N TYR B 492 9.40 13.39 15.36
CA TYR B 492 8.65 12.76 14.27
C TYR B 492 9.24 13.04 12.90
N ASN B 493 10.13 14.03 12.79
CA ASN B 493 10.85 14.30 11.55
C ASN B 493 12.14 13.51 11.44
N ASP B 494 12.44 12.66 12.42
CA ASP B 494 13.58 11.74 12.32
C ASP B 494 13.15 10.47 11.58
N ILE B 495 14.16 9.68 11.19
CA ILE B 495 13.93 8.37 10.60
C ILE B 495 14.94 7.39 11.21
N ALA B 496 14.64 6.10 11.08
CA ALA B 496 15.64 5.09 11.36
C ALA B 496 16.81 5.29 10.41
N LEU B 497 18.02 5.24 10.96
CA LEU B 497 19.24 5.49 10.19
C LEU B 497 19.75 4.17 9.63
N TRP B 498 19.66 4.01 8.31
CA TRP B 498 20.08 2.79 7.65
C TRP B 498 21.55 2.88 7.24
N ASN B 499 22.12 1.72 6.91
CA ASN B 499 23.47 1.62 6.36
C ASN B 499 23.33 1.40 4.85
N TRP B 500 23.15 2.52 4.13
CA TRP B 500 22.65 2.48 2.76
C TRP B 500 23.55 1.69 1.83
N THR B 501 24.88 1.87 1.94
CA THR B 501 25.82 1.20 1.04
C THR B 501 25.82 -0.31 1.22
N GLN B 502 25.24 -0.81 2.32
CA GLN B 502 25.22 -2.24 2.56
C GLN B 502 23.91 -2.88 2.12
N ILE B 503 22.96 -2.10 1.62
CA ILE B 503 21.66 -2.63 1.23
C ILE B 503 21.78 -3.60 0.04
N PRO B 504 22.50 -3.27 -1.04
CA PRO B 504 22.55 -4.23 -2.16
C PRO B 504 23.11 -5.60 -1.77
N GLN B 505 24.10 -5.66 -0.88
CA GLN B 505 24.65 -6.95 -0.45
C GLN B 505 23.67 -7.73 0.41
N ALA B 506 22.65 -7.07 0.97
CA ALA B 506 21.61 -7.77 1.71
C ALA B 506 20.45 -8.18 0.82
N LEU B 507 20.15 -7.40 -0.22
CA LEU B 507 19.02 -7.71 -1.08
C LEU B 507 19.43 -8.52 -2.30
N SER B 508 20.63 -9.08 -2.29
CA SER B 508 21.07 -9.92 -3.39
C SER B 508 22.19 -10.83 -2.90
N LEU B 509 22.22 -12.06 -3.43
CA LEU B 509 23.31 -12.99 -3.12
C LEU B 509 24.59 -12.66 -3.86
N ASP B 510 24.52 -11.88 -4.93
CA ASP B 510 25.69 -11.51 -5.70
C ASP B 510 25.32 -10.30 -6.46
N PRO B 511 25.24 -9.24 -5.73
CA PRO B 511 24.79 -7.97 -6.29
C PRO B 511 25.62 -7.45 -7.39
N GLN B 512 26.93 -7.45 -7.20
CA GLN B 512 27.91 -6.93 -8.13
C GLN B 512 27.71 -5.42 -8.32
N ALA B 513 27.31 -4.73 -7.28
CA ALA B 513 27.11 -3.31 -7.33
C ALA B 513 28.28 -2.58 -6.75
N GLN B 514 28.31 -1.30 -6.95
CA GLN B 514 29.38 -0.51 -6.45
C GLN B 514 28.76 0.60 -5.68
N CYS B 515 29.10 0.67 -4.41
CA CYS B 515 28.46 1.65 -3.53
C CYS B 515 29.49 2.55 -2.86
N TRP B 516 29.15 3.82 -2.77
CA TRP B 516 30.02 4.80 -2.14
C TRP B 516 29.22 5.62 -1.16
N ARG B 517 29.91 6.10 -0.14
CA ARG B 517 29.40 7.06 0.83
C ARG B 517 30.25 8.30 0.64
N VAL B 518 29.64 9.40 0.24
CA VAL B 518 30.38 10.61 -0.12
C VAL B 518 29.92 11.77 0.75
N SER B 519 30.87 12.63 1.08
CA SER B 519 30.60 13.82 1.87
C SER B 519 31.33 15.06 1.36
N GLU B 520 32.09 14.97 0.28
CA GLU B 520 32.80 16.11 -0.29
C GLU B 520 32.42 16.22 -1.75
N ALA B 521 32.44 17.46 -2.26
CA ALA B 521 32.09 17.68 -3.67
C ALA B 521 33.11 17.03 -4.61
N GLU B 522 34.41 17.17 -4.31
CA GLU B 522 35.46 16.47 -5.06
C GLU B 522 35.18 14.99 -5.15
N GLN B 523 34.92 14.37 -4.00
CA GLN B 523 34.65 12.93 -3.95
C GLN B 523 33.42 12.57 -4.79
N LEU B 524 32.35 13.36 -4.67
CA LEU B 524 31.15 13.08 -5.45
C LEU B 524 31.44 13.17 -6.94
N ALA B 525 32.19 14.19 -7.37
CA ALA B 525 32.49 14.36 -8.79
C ALA B 525 33.34 13.19 -9.31
N ASP B 526 34.32 12.76 -8.52
CA ASP B 526 35.14 11.62 -8.92
C ASP B 526 34.29 10.36 -9.04
N VAL B 527 33.37 10.13 -8.10
CA VAL B 527 32.54 8.94 -8.13
C VAL B 527 31.63 8.94 -9.35
N LEU B 528 31.21 10.12 -9.75
CA LEU B 528 30.36 10.26 -10.91
C LEU B 528 31.05 9.81 -12.16
N GLU B 529 32.35 10.12 -12.32
CA GLU B 529 33.04 9.64 -13.50
C GLU B 529 33.20 8.15 -13.51
N LYS B 530 33.38 7.57 -12.35
CA LYS B 530 33.54 6.14 -12.23
C LYS B 530 32.27 5.38 -12.63
N VAL B 531 31.10 5.81 -12.17
CA VAL B 531 29.80 5.19 -12.49
C VAL B 531 29.21 5.71 -13.79
N ALA B 532 29.98 6.49 -14.56
CA ALA B 532 29.43 7.25 -15.67
C ALA B 532 28.76 6.33 -16.70
N HIS B 533 29.38 5.20 -17.02
CA HIS B 533 28.91 4.32 -18.07
C HIS B 533 28.05 3.16 -17.54
N HIS B 534 27.53 3.31 -16.31
CA HIS B 534 26.55 2.41 -15.69
C HIS B 534 26.80 0.94 -16.03
N GLU B 535 28.02 0.49 -15.78
CA GLU B 535 28.36 -0.92 -15.95
C GLU B 535 27.84 -1.77 -14.79
N ARG B 536 27.62 -1.15 -13.67
CA ARG B 536 27.01 -1.85 -12.58
C ARG B 536 26.03 -0.93 -11.91
N LEU B 537 25.21 -1.51 -11.06
CA LEU B 537 24.31 -0.75 -10.26
C LEU B 537 25.18 0.08 -9.32
N SER B 538 24.87 1.34 -9.20
CA SER B 538 25.60 2.22 -8.34
C SER B 538 24.71 2.84 -7.32
N LEU B 539 25.13 2.81 -6.08
CA LEU B 539 24.42 3.46 -5.00
C LEU B 539 25.36 4.45 -4.33
N ILE B 540 25.07 5.73 -4.45
CA ILE B 540 25.90 6.78 -3.90
C ILE B 540 25.14 7.42 -2.76
N GLU B 541 25.62 7.21 -1.54
CA GLU B 541 25.03 7.80 -0.35
C GLU B 541 25.63 9.19 -0.14
N VAL B 542 24.83 10.21 -0.39
CA VAL B 542 25.26 11.60 -0.34
C VAL B 542 24.97 12.15 1.06
N MET B 543 26.02 12.59 1.74
CA MET B 543 25.91 13.15 3.09
C MET B 543 25.59 14.64 2.98
N LEU B 544 24.42 15.03 3.45
CA LEU B 544 23.99 16.42 3.37
C LEU B 544 23.49 16.90 4.72
N PRO B 545 23.57 18.20 4.99
CA PRO B 545 23.14 18.73 6.29
C PRO B 545 21.63 18.61 6.50
N LYS B 546 21.24 18.58 7.78
CA LYS B 546 19.84 18.37 8.15
C LYS B 546 18.94 19.51 7.69
N ALA B 547 19.44 20.74 7.72
CA ALA B 547 18.64 21.92 7.45
C ALA B 547 18.90 22.53 6.07
N ASP B 548 19.68 21.87 5.22
CA ASP B 548 20.04 22.45 3.92
C ASP B 548 18.92 22.20 2.92
N ILE B 549 18.42 23.28 2.31
CA ILE B 549 17.27 23.19 1.41
C ILE B 549 17.59 23.89 0.09
N PRO B 550 17.10 23.39 -1.03
CA PRO B 550 17.28 24.08 -2.32
C PRO B 550 16.43 25.35 -2.37
N PRO B 551 16.78 26.29 -3.27
CA PRO B 551 16.06 27.57 -3.28
C PRO B 551 14.56 27.46 -3.52
N LEU B 552 14.09 26.48 -4.31
CA LEU B 552 12.65 26.33 -4.51
C LEU B 552 11.94 26.03 -3.20
N LEU B 553 12.52 25.16 -2.37
CA LEU B 553 11.92 24.86 -1.08
C LEU B 553 11.92 26.08 -0.17
N GLY B 554 13.00 26.88 -0.22
CA GLY B 554 13.01 28.11 0.56
C GLY B 554 11.88 29.05 0.18
N ALA B 555 11.64 29.22 -1.12
CA ALA B 555 10.55 30.08 -1.56
C ALA B 555 9.18 29.47 -1.27
N ILE B 556 9.07 28.14 -1.32
CA ILE B 556 7.80 27.50 -1.00
C ILE B 556 7.45 27.76 0.47
N THR B 557 8.42 27.56 1.36
CA THR B 557 8.16 27.79 2.79
C THR B 557 7.90 29.26 3.10
N LYS B 558 8.57 30.18 2.39
CA LYS B 558 8.31 31.60 2.59
C LYS B 558 6.87 31.93 2.20
N ALA B 559 6.40 31.41 1.08
CA ALA B 559 5.02 31.62 0.67
C ALA B 559 4.03 30.94 1.60
N LEU B 560 4.45 29.89 2.28
CA LEU B 560 3.51 29.16 3.12
C LEU B 560 3.09 29.98 4.33
N GLU B 561 3.78 31.08 4.61
CA GLU B 561 3.43 31.92 5.77
C GLU B 561 2.01 32.47 5.63
N ALA B 562 1.58 32.78 4.42
CA ALA B 562 0.26 33.38 4.24
C ALA B 562 -0.85 32.35 4.37
N ARG B 563 -0.84 31.31 3.52
CA ARG B 563 -1.98 30.40 3.45
C ARG B 563 -2.05 29.45 4.63
N ASN B 564 -0.92 29.14 5.27
CA ASN B 564 -0.87 28.17 6.36
C ASN B 564 -0.54 28.91 7.65
N SER B 565 -1.58 29.33 8.37
CA SER B 565 -1.43 30.02 9.64
C SER B 565 -2.65 29.78 10.53
#